data_8J2M
#
_entry.id   8J2M
#
loop_
_entity.id
_entity.type
_entity.pdbx_description
1 polymer 'Na+/H+ antiporter'
2 non-polymer '(2R)-3-{[(S)-(2-aminoethoxy)(hydroxy)phosphoryl]oxy}-2-(tetradecanoyloxy)propyl tetradecanoate'
#
_entity_poly.entity_id   1
_entity_poly.type   'polypeptide(L)'
_entity_poly.pdbx_seq_one_letter_code
;MDNPEAEPDDAVLFVGVSLVLGIASRHLLRGTRVPYTVALLVLGVALGSLEFGTKHGMGKLGAGIRIWANINPDLLLAVF
LPALLFESSFSMEIHQIKKCMAQMVLLAGPGVLISTFFLGSALKLTFPYNWNWKTSLLLGGLLSATDPVAVVALLKELGA
SKKLSTIIEGESLMNDGTAIVVYQLFYRMVLGRTFDAGSIIKFLSEVSLGAVALGLAFGIASVLWLGFIFNDTIIEIALT
LAVSYIAFFTAQDALEVSGVLTVMTLGMFYAAFAKTAFKGDSQQSLHHFWEMVAYIANTLIFILSGVVIADGVLENNVHF
ERHGASWGFLLLLYVFVQISRILVVVILYPLLRHFGYGLDLKEATILVWAGLRGAVALSLSLSVKRASDAVQTHLKPVDG
TMFVFFTGGIVFLTLIFNGSTTQFLLHLLGMDRLAATKLRILNYTKYEMLNKALEAFGDLRDDEELGPPADWVTVKKYIT
CLNDLDDEPVHPHAVSDRNDRMHTMNLRDIRVRLLNGVQAAYWGMLEEGRITQTTANILMRSVDEAMDLVPTQELCDWKG
LRSNVHFPNYYRFLQMSRLPRRLITYFTVERLESGCYICAAFLRAHRIARRQLHDFLGDSEVARIVIDESNAEGEEARKF
LEDVRVTFPQVLRVLKTRQVTYSVLTHLSEYIQNLQKTGLLEEKEMAHLDDALQTDLKKFKRNPPLVKMPRVSDLLNTHP
LVGALPAAMRDPLLSSTKETVKGHGTILYREGSRPTGIWLVSIGVVKWTSQRLSSRHSLDPILSHGSTLGLYEVLIGKPY
ICDMITDSVVHCFFIEAEKIEQLRQSDPSIEIFLWQESALVVARLLLPMMFEKMATHELRVLITERSTMNIYIKGEEIEL
EQNFIGILLEGFLKTKNQTLITPPGLLLPPNADLNLFGLESSAINRIDYCYTAPSYQVEARARILFVEIGRPEIEADLQR
SASLISQTLELPRTQSAAAENLYFQGLEWSHPQFEKGSGDYKDDDDKGSGWSHPQFEKLEDYKDDDDKHHHHHHHHHH
;
_entity_poly.pdbx_strand_id   A,B
#
# COMPACT_ATOMS: atom_id res chain seq x y z
N GLU A 7 14.23 -7.92 -8.55
CA GLU A 7 14.68 -7.06 -7.42
C GLU A 7 13.48 -6.33 -6.80
N PRO A 8 12.58 -5.64 -7.55
CA PRO A 8 11.44 -4.99 -6.93
C PRO A 8 10.45 -5.95 -6.25
N ASP A 9 10.29 -7.16 -6.78
CA ASP A 9 9.26 -8.10 -6.25
C ASP A 9 9.67 -8.66 -4.89
N ASP A 10 10.98 -8.67 -4.61
CA ASP A 10 11.46 -9.23 -3.32
C ASP A 10 10.77 -8.46 -2.19
N ALA A 11 10.50 -7.17 -2.41
CA ALA A 11 9.80 -6.36 -1.39
C ALA A 11 8.36 -6.85 -1.18
N VAL A 12 7.62 -7.19 -2.24
CA VAL A 12 6.19 -7.58 -2.07
C VAL A 12 6.19 -8.91 -1.30
N LEU A 13 7.23 -9.71 -1.52
CA LEU A 13 7.39 -10.95 -0.75
C LEU A 13 7.54 -10.66 0.72
N PHE A 14 8.38 -9.68 1.07
CA PHE A 14 8.61 -9.38 2.48
C PHE A 14 7.35 -8.84 3.14
N VAL A 15 6.60 -8.00 2.43
CA VAL A 15 5.34 -7.50 2.99
C VAL A 15 4.42 -8.66 3.32
N GLY A 16 4.24 -9.58 2.36
CA GLY A 16 3.37 -10.72 2.62
C GLY A 16 3.85 -11.57 3.78
N VAL A 17 5.16 -11.87 3.82
CA VAL A 17 5.70 -12.71 4.87
C VAL A 17 5.52 -12.08 6.23
N SER A 18 5.76 -10.76 6.33
CA SER A 18 5.65 -10.01 7.59
C SER A 18 4.22 -9.98 8.10
N LEU A 19 3.24 -9.87 7.21
CA LEU A 19 1.82 -9.87 7.62
C LEU A 19 1.41 -11.29 8.02
N VAL A 20 1.93 -12.37 7.40
CA VAL A 20 1.63 -13.74 7.80
C VAL A 20 2.22 -13.97 9.19
N LEU A 21 3.42 -13.45 9.44
CA LEU A 21 3.99 -13.56 10.78
C LEU A 21 3.11 -12.83 11.79
N GLY A 22 2.47 -11.75 11.36
CA GLY A 22 1.54 -11.04 12.23
C GLY A 22 0.37 -11.89 12.66
N ILE A 23 -0.33 -12.59 11.73
CA ILE A 23 -1.56 -13.42 12.01
C ILE A 23 -1.13 -14.69 12.75
N ALA A 24 0.12 -15.13 12.67
CA ALA A 24 0.63 -16.24 13.49
C ALA A 24 0.75 -15.70 14.91
N SER A 25 1.50 -14.61 15.09
CA SER A 25 1.72 -14.11 16.44
C SER A 25 0.47 -13.54 17.09
N ARG A 26 -0.59 -13.32 16.34
CA ARG A 26 -1.86 -12.97 16.97
C ARG A 26 -2.76 -14.17 17.24
N HIS A 27 -2.72 -15.20 16.39
CA HIS A 27 -3.44 -16.42 16.71
C HIS A 27 -2.86 -17.08 17.95
N LEU A 28 -1.55 -17.28 17.97
CA LEU A 28 -0.89 -17.55 19.24
C LEU A 28 -0.77 -16.24 20.01
N LEU A 29 -0.27 -16.35 21.25
CA LEU A 29 0.08 -15.18 22.05
C LEU A 29 -1.09 -14.20 22.15
N ARG A 30 -2.31 -14.72 22.19
CA ARG A 30 -3.51 -13.91 22.42
C ARG A 30 -4.14 -14.37 23.72
N GLY A 31 -4.51 -13.43 24.57
CA GLY A 31 -4.97 -13.74 25.90
C GLY A 31 -3.89 -14.24 26.84
N THR A 32 -2.70 -14.56 26.31
CA THR A 32 -1.58 -14.98 27.13
C THR A 32 -0.97 -13.75 27.80
N ARG A 33 0.02 -13.97 28.66
CA ARG A 33 0.67 -12.88 29.37
C ARG A 33 1.71 -12.16 28.51
N VAL A 34 2.03 -12.69 27.34
CA VAL A 34 2.98 -12.06 26.42
C VAL A 34 2.17 -11.38 25.31
N PRO A 35 2.15 -10.05 25.26
CA PRO A 35 1.28 -9.37 24.30
C PRO A 35 1.83 -9.39 22.89
N TYR A 36 1.10 -8.70 22.01
CA TYR A 36 1.36 -8.78 20.57
C TYR A 36 2.66 -8.08 20.21
N THR A 37 2.80 -6.82 20.60
CA THR A 37 3.85 -5.96 20.03
C THR A 37 5.24 -6.45 20.38
N VAL A 38 5.44 -6.90 21.61
CA VAL A 38 6.77 -7.38 21.99
C VAL A 38 7.15 -8.58 21.13
N ALA A 39 6.21 -9.48 20.88
CA ALA A 39 6.50 -10.65 20.04
C ALA A 39 6.80 -10.24 18.61
N LEU A 40 6.02 -9.29 18.08
CA LEU A 40 6.30 -8.76 16.75
C LEU A 40 7.73 -8.24 16.66
N LEU A 41 8.13 -7.43 17.64
CA LEU A 41 9.45 -6.83 17.56
C LEU A 41 10.54 -7.88 17.69
N VAL A 42 10.31 -8.91 18.51
CA VAL A 42 11.33 -9.97 18.63
C VAL A 42 11.46 -10.74 17.33
N LEU A 43 10.34 -11.04 16.67
CA LEU A 43 10.42 -11.73 15.38
C LEU A 43 11.13 -10.87 14.34
N GLY A 44 10.89 -9.56 14.37
CA GLY A 44 11.60 -8.67 13.47
C GLY A 44 13.09 -8.69 13.70
N VAL A 45 13.51 -8.62 14.96
CA VAL A 45 14.93 -8.71 15.28
C VAL A 45 15.49 -10.05 14.83
N ALA A 46 14.67 -11.10 14.94
CA ALA A 46 15.13 -12.42 14.53
C ALA A 46 15.44 -12.50 13.04
N LEU A 47 14.49 -12.07 12.20
CA LEU A 47 14.73 -12.05 10.77
C LEU A 47 15.91 -11.15 10.41
N GLY A 48 15.98 -9.97 11.02
CA GLY A 48 17.08 -9.07 10.71
C GLY A 48 18.42 -9.69 11.06
N SER A 49 18.49 -10.36 12.21
CA SER A 49 19.72 -11.02 12.61
C SER A 49 20.06 -12.16 11.66
N LEU A 50 19.07 -12.98 11.32
CA LEU A 50 19.31 -14.10 10.41
C LEU A 50 19.88 -13.70 9.06
N GLU A 51 19.41 -12.58 8.51
CA GLU A 51 19.93 -12.14 7.22
C GLU A 51 21.27 -11.42 7.32
N PHE A 52 21.39 -10.47 8.24
CA PHE A 52 22.58 -9.64 8.29
C PHE A 52 23.73 -10.40 8.93
N GLY A 53 23.49 -10.96 10.13
CA GLY A 53 24.57 -11.63 10.83
C GLY A 53 25.07 -12.87 10.12
N THR A 54 24.15 -13.76 9.75
CA THR A 54 24.51 -14.99 9.05
C THR A 54 24.99 -14.64 7.65
N LYS A 55 26.30 -14.72 7.43
CA LYS A 55 26.87 -14.41 6.13
C LYS A 55 26.40 -15.38 5.04
N HIS A 56 25.81 -16.51 5.41
CA HIS A 56 25.25 -17.41 4.42
C HIS A 56 24.10 -16.75 3.66
N GLY A 57 23.29 -15.98 4.36
CA GLY A 57 22.27 -15.16 3.72
C GLY A 57 21.04 -15.97 3.33
N MET A 58 19.96 -15.25 2.96
CA MET A 58 18.75 -15.93 2.41
C MET A 58 18.64 -15.45 0.96
N GLY A 59 18.43 -16.34 0.01
CA GLY A 59 18.46 -15.97 -1.42
C GLY A 59 17.39 -14.99 -1.89
N LYS A 60 16.14 -15.14 -1.44
CA LYS A 60 15.06 -14.27 -1.99
C LYS A 60 14.60 -13.30 -0.91
N LEU A 61 14.06 -13.83 0.19
CA LEU A 61 13.55 -12.97 1.28
C LEU A 61 14.63 -11.96 1.65
N GLY A 62 15.89 -12.38 1.62
CA GLY A 62 16.94 -11.48 2.08
C GLY A 62 17.02 -10.20 1.30
N ALA A 63 16.84 -10.27 -0.02
CA ALA A 63 16.92 -9.07 -0.84
C ALA A 63 15.81 -8.09 -0.47
N GLY A 64 14.59 -8.60 -0.29
CA GLY A 64 13.51 -7.73 0.14
C GLY A 64 13.73 -7.19 1.53
N ILE A 65 14.28 -8.01 2.43
CA ILE A 65 14.60 -7.52 3.77
C ILE A 65 15.58 -6.37 3.66
N ARG A 66 16.60 -6.51 2.81
CA ARG A 66 17.59 -5.44 2.68
C ARG A 66 16.99 -4.16 2.10
N ILE A 67 16.10 -4.28 1.10
CA ILE A 67 15.41 -3.12 0.46
C ILE A 67 14.63 -2.36 1.54
N TRP A 68 13.79 -3.08 2.30
CA TRP A 68 12.93 -2.49 3.36
C TRP A 68 13.77 -1.91 4.48
N ALA A 69 14.93 -2.51 4.78
CA ALA A 69 15.85 -2.02 5.83
C ALA A 69 16.52 -0.72 5.37
N ASN A 70 16.70 -0.48 4.05
CA ASN A 70 17.27 0.76 3.55
C ASN A 70 16.20 1.82 3.28
N ILE A 71 15.03 1.70 3.91
CA ILE A 71 13.95 2.63 3.66
C ILE A 71 14.32 4.02 4.16
N ASN A 72 13.89 5.04 3.44
CA ASN A 72 14.18 6.40 3.87
C ASN A 72 13.25 6.78 5.03
N PRO A 73 13.76 7.50 6.03
CA PRO A 73 12.95 7.77 7.22
C PRO A 73 11.71 8.60 6.94
N ASP A 74 11.84 9.67 6.14
CA ASP A 74 10.68 10.49 5.81
C ASP A 74 9.58 9.64 5.18
N LEU A 75 9.94 8.74 4.27
CA LEU A 75 8.99 7.80 3.74
C LEU A 75 8.47 6.81 4.77
N LEU A 76 9.34 6.38 5.69
CA LEU A 76 8.91 5.47 6.76
C LEU A 76 7.81 6.08 7.61
N LEU A 77 7.85 7.40 7.81
CA LEU A 77 6.75 8.05 8.51
C LEU A 77 5.55 8.26 7.60
N ALA A 78 5.80 8.74 6.38
CA ALA A 78 4.70 9.17 5.52
C ALA A 78 3.80 8.01 5.14
N VAL A 79 4.36 6.83 4.93
CA VAL A 79 3.54 5.71 4.47
C VAL A 79 2.67 5.18 5.60
N PHE A 80 3.21 5.17 6.82
CA PHE A 80 2.58 4.44 7.92
C PHE A 80 1.80 5.32 8.88
N LEU A 81 2.42 6.39 9.40
CA LEU A 81 1.75 7.17 10.45
C LEU A 81 0.36 7.64 10.08
N PRO A 82 0.08 8.17 8.88
CA PRO A 82 -1.30 8.54 8.56
C PRO A 82 -2.30 7.42 8.67
N ALA A 83 -1.86 6.17 8.81
CA ALA A 83 -2.77 5.05 9.00
C ALA A 83 -2.71 4.54 10.43
N LEU A 84 -1.89 5.17 11.28
CA LEU A 84 -1.84 4.87 12.70
C LEU A 84 -2.44 5.96 13.57
N LEU A 85 -1.92 7.19 13.43
CA LEU A 85 -2.48 8.32 14.17
C LEU A 85 -3.94 8.57 13.90
N PHE A 86 -4.39 8.37 12.66
CA PHE A 86 -5.80 8.58 12.36
C PHE A 86 -6.66 7.53 13.04
N GLU A 87 -6.24 6.26 13.00
CA GLU A 87 -7.00 5.23 13.69
C GLU A 87 -7.13 5.52 15.18
N SER A 88 -6.03 5.97 15.80
CA SER A 88 -6.09 6.31 17.22
C SER A 88 -7.02 7.48 17.45
N SER A 89 -6.81 8.60 16.75
CA SER A 89 -7.60 9.79 16.95
C SER A 89 -9.06 9.61 16.57
N PHE A 90 -9.38 8.56 15.83
CA PHE A 90 -10.75 8.29 15.42
C PHE A 90 -11.46 7.29 16.31
N SER A 91 -10.75 6.30 16.85
CA SER A 91 -11.38 5.33 17.72
C SER A 91 -11.67 5.80 19.13
N MET A 92 -11.23 7.03 19.48
CA MET A 92 -11.45 7.59 20.85
C MET A 92 -12.88 8.10 20.87
N GLU A 93 -13.36 8.56 22.03
CA GLU A 93 -14.76 9.06 22.14
C GLU A 93 -14.77 10.50 22.67
N ILE A 94 -15.79 11.29 22.29
CA ILE A 94 -15.92 12.70 22.77
C ILE A 94 -16.08 12.81 24.30
N HIS A 95 -16.81 11.88 24.92
CA HIS A 95 -17.06 11.90 26.38
C HIS A 95 -15.79 12.20 27.18
N GLN A 96 -14.70 11.48 26.94
CA GLN A 96 -13.50 11.62 27.74
C GLN A 96 -12.56 12.71 27.23
N ILE A 97 -12.42 12.82 25.90
CA ILE A 97 -11.44 13.72 25.32
C ILE A 97 -11.63 15.16 25.77
N LYS A 98 -12.88 15.61 25.90
CA LYS A 98 -13.14 16.99 26.27
C LYS A 98 -12.84 17.28 27.74
N LYS A 99 -12.60 16.25 28.55
CA LYS A 99 -12.22 16.43 29.94
C LYS A 99 -10.79 16.03 30.24
N CYS A 100 -10.14 15.29 29.34
CA CYS A 100 -8.74 14.94 29.51
C CYS A 100 -7.80 15.82 28.68
N MET A 101 -8.32 16.58 27.72
CA MET A 101 -7.47 17.38 26.84
C MET A 101 -6.53 18.26 27.64
N ALA A 102 -7.05 18.85 28.72
CA ALA A 102 -6.21 19.72 29.58
C ALA A 102 -4.99 18.94 30.04
N GLN A 103 -5.19 17.73 30.57
CA GLN A 103 -4.07 16.93 31.12
C GLN A 103 -3.06 16.52 30.04
N MET A 104 -3.48 16.10 28.85
CA MET A 104 -2.52 15.59 27.85
C MET A 104 -1.68 16.72 27.24
N VAL A 105 -2.29 17.86 26.90
CA VAL A 105 -1.56 19.02 26.30
C VAL A 105 -0.56 19.53 27.34
N LEU A 106 -0.97 19.50 28.62
CA LEU A 106 -0.11 19.94 29.75
C LEU A 106 0.99 18.91 29.95
N LEU A 107 0.83 17.68 29.43
CA LEU A 107 1.81 16.63 29.67
C LEU A 107 2.68 16.37 28.46
N ALA A 108 2.26 16.82 27.28
CA ALA A 108 2.95 16.48 26.03
C ALA A 108 3.68 17.66 25.39
N GLY A 109 3.53 18.87 25.92
CA GLY A 109 4.39 19.95 25.49
C GLY A 109 5.39 20.37 26.56
N PRO A 110 4.90 20.60 27.78
CA PRO A 110 5.85 20.85 28.87
C PRO A 110 6.62 19.60 29.25
N GLY A 111 5.95 18.45 29.27
CA GLY A 111 6.65 17.21 29.57
C GLY A 111 7.85 16.99 28.68
N VAL A 112 7.64 17.03 27.36
CA VAL A 112 8.75 16.84 26.44
C VAL A 112 9.82 17.89 26.58
N LEU A 113 9.45 19.14 26.89
CA LEU A 113 10.48 20.14 27.14
C LEU A 113 11.35 19.75 28.35
N ILE A 114 10.69 19.29 29.41
CA ILE A 114 11.42 18.95 30.63
C ILE A 114 12.31 17.76 30.32
N SER A 115 11.71 16.66 29.84
CA SER A 115 12.46 15.45 29.55
C SER A 115 13.63 15.74 28.62
N THR A 116 13.37 16.39 27.49
CA THR A 116 14.46 16.74 26.58
C THR A 116 15.57 17.47 27.32
N PHE A 117 15.23 18.49 28.11
CA PHE A 117 16.26 19.19 28.87
C PHE A 117 17.04 18.22 29.75
N PHE A 118 16.33 17.39 30.51
CA PHE A 118 16.99 16.54 31.50
C PHE A 118 17.87 15.52 30.82
N LEU A 119 17.26 14.63 30.03
CA LEU A 119 17.99 13.55 29.37
C LEU A 119 19.15 14.08 28.54
N GLY A 120 18.92 15.11 27.74
CA GLY A 120 20.01 15.70 26.98
C GLY A 120 21.18 16.08 27.87
N SER A 121 20.89 16.81 28.96
CA SER A 121 21.97 17.17 29.88
C SER A 121 22.63 15.91 30.44
N ALA A 122 21.81 14.97 30.90
CA ALA A 122 22.34 13.75 31.55
C ALA A 122 23.37 13.07 30.66
N LEU A 123 23.01 12.71 29.42
CA LEU A 123 23.98 11.96 28.60
C LEU A 123 25.23 12.81 28.35
N LYS A 124 25.08 14.09 28.06
CA LYS A 124 26.26 14.93 27.74
C LYS A 124 27.22 14.95 28.93
N LEU A 125 26.72 14.67 30.13
CA LEU A 125 27.57 14.86 31.31
C LEU A 125 28.27 13.53 31.57
N THR A 126 27.63 12.41 31.28
CA THR A 126 28.14 11.11 31.69
C THR A 126 28.44 10.20 30.50
N PHE A 127 28.74 10.79 29.34
CA PHE A 127 29.06 9.99 28.16
C PHE A 127 30.36 10.50 27.55
N PRO A 128 31.42 9.68 27.51
CA PRO A 128 32.74 10.18 27.13
C PRO A 128 32.96 10.33 25.64
N TYR A 129 31.91 10.25 24.84
CA TYR A 129 32.07 10.30 23.38
C TYR A 129 32.32 11.70 22.85
N ASN A 130 32.59 12.67 23.72
CA ASN A 130 32.89 14.05 23.31
C ASN A 130 31.70 14.68 22.58
N TRP A 131 30.49 14.36 23.03
CA TRP A 131 29.31 14.99 22.48
C TRP A 131 29.18 16.42 23.00
N ASN A 132 28.46 17.24 22.24
CA ASN A 132 28.23 18.63 22.61
C ASN A 132 26.78 18.82 23.05
N TRP A 133 26.47 20.04 23.49
CA TRP A 133 25.16 20.30 24.08
C TRP A 133 24.05 20.18 23.05
N LYS A 134 24.28 20.67 21.83
CA LYS A 134 23.24 20.61 20.81
C LYS A 134 22.94 19.18 20.39
N THR A 135 23.98 18.37 20.18
CA THR A 135 23.77 16.99 19.79
C THR A 135 23.10 16.19 20.91
N SER A 136 23.52 16.44 22.15
CA SER A 136 22.92 15.73 23.27
C SER A 136 21.46 16.09 23.44
N LEU A 137 21.13 17.38 23.32
CA LEU A 137 19.72 17.77 23.35
C LEU A 137 19.02 17.20 22.13
N LEU A 138 19.74 17.02 21.01
CA LEU A 138 19.14 16.38 19.85
C LEU A 138 18.70 14.96 20.19
N LEU A 139 19.60 14.17 20.79
CA LEU A 139 19.22 12.84 21.24
C LEU A 139 18.12 12.84 22.29
N GLY A 140 18.11 13.85 23.16
CA GLY A 140 17.01 13.97 24.10
C GLY A 140 15.67 14.13 23.41
N GLY A 141 15.62 14.98 22.39
CA GLY A 141 14.39 15.12 21.63
C GLY A 141 14.01 13.85 20.91
N LEU A 142 15.00 13.09 20.46
CA LEU A 142 14.74 11.77 19.86
C LEU A 142 14.05 10.86 20.85
N LEU A 143 14.67 10.66 22.02
CA LEU A 143 14.20 9.68 23.00
C LEU A 143 13.00 10.17 23.79
N SER A 144 12.33 11.23 23.36
CA SER A 144 11.25 11.83 24.14
C SER A 144 9.86 11.50 23.58
N ALA A 145 9.77 10.64 22.58
CA ALA A 145 8.48 10.21 22.05
C ALA A 145 7.97 8.96 22.76
N THR A 146 6.66 8.79 22.73
CA THR A 146 6.02 7.63 23.39
C THR A 146 4.92 7.09 22.49
N ASP A 147 4.81 5.77 22.41
CA ASP A 147 3.70 5.08 21.75
C ASP A 147 3.53 3.73 22.43
N PRO A 148 2.84 3.71 23.57
CA PRO A 148 2.59 2.44 24.29
C PRO A 148 1.34 1.78 23.71
N VAL A 149 1.53 1.04 22.61
CA VAL A 149 0.38 0.36 22.01
C VAL A 149 -0.05 -0.82 22.88
N ALA A 150 0.92 -1.59 23.38
CA ALA A 150 0.60 -2.72 24.24
C ALA A 150 -0.12 -2.26 25.50
N VAL A 151 0.22 -1.07 26.00
CA VAL A 151 -0.36 -0.62 27.26
C VAL A 151 -1.83 -0.25 27.07
N VAL A 152 -2.16 0.44 25.99
CA VAL A 152 -3.57 0.74 25.74
C VAL A 152 -4.32 -0.55 25.42
N ALA A 153 -3.69 -1.48 24.71
CA ALA A 153 -4.31 -2.77 24.49
C ALA A 153 -4.70 -3.47 25.78
N LEU A 154 -3.81 -3.48 26.77
CA LEU A 154 -4.14 -4.06 28.06
C LEU A 154 -5.24 -3.28 28.77
N LEU A 155 -5.12 -1.95 28.80
CA LEU A 155 -6.06 -1.13 29.53
C LEU A 155 -7.45 -1.21 28.91
N LYS A 156 -7.58 -1.73 27.69
CA LYS A 156 -8.89 -2.10 27.18
C LYS A 156 -9.20 -3.58 27.36
N GLU A 157 -8.19 -4.44 27.45
CA GLU A 157 -8.45 -5.87 27.65
C GLU A 157 -8.94 -6.15 29.07
N LEU A 158 -8.24 -5.62 30.07
CA LEU A 158 -8.67 -5.78 31.46
C LEU A 158 -9.73 -4.78 31.88
N GLY A 159 -10.15 -3.89 30.98
CA GLY A 159 -11.26 -2.99 31.24
C GLY A 159 -11.10 -2.08 32.44
N ALA A 160 -10.04 -1.29 32.47
CA ALA A 160 -9.84 -0.32 33.54
C ALA A 160 -10.64 0.95 33.24
N SER A 161 -10.42 2.00 34.02
CA SER A 161 -11.12 3.25 33.81
C SER A 161 -10.69 3.89 32.49
N LYS A 162 -11.66 4.47 31.79
CA LYS A 162 -11.37 5.02 30.47
C LYS A 162 -10.52 6.28 30.54
N LYS A 163 -10.56 7.00 31.66
CA LYS A 163 -9.79 8.22 31.79
C LYS A 163 -8.30 7.96 31.59
N LEU A 164 -7.78 6.94 32.27
CA LEU A 164 -6.38 6.60 32.13
C LEU A 164 -6.04 6.27 30.68
N SER A 165 -6.89 5.48 30.02
CA SER A 165 -6.61 5.08 28.65
C SER A 165 -6.59 6.28 27.71
N THR A 166 -7.56 7.19 27.86
CA THR A 166 -7.60 8.37 27.01
C THR A 166 -6.38 9.25 27.23
N ILE A 167 -6.02 9.49 28.50
CA ILE A 167 -4.84 10.29 28.78
C ILE A 167 -3.61 9.65 28.15
N ILE A 168 -3.45 8.34 28.30
CA ILE A 168 -2.23 7.68 27.87
C ILE A 168 -2.15 7.49 26.37
N GLU A 169 -3.26 7.62 25.66
CA GLU A 169 -3.23 7.65 24.20
C GLU A 169 -2.88 9.04 23.68
N GLY A 170 -3.64 10.05 24.14
CA GLY A 170 -3.43 11.40 23.64
C GLY A 170 -2.06 11.93 24.02
N GLU A 171 -1.57 11.55 25.20
CA GLU A 171 -0.21 11.93 25.57
C GLU A 171 0.78 11.36 24.57
N SER A 172 0.60 10.11 24.16
CA SER A 172 1.48 9.51 23.16
C SER A 172 1.39 10.25 21.83
N LEU A 173 0.17 10.60 21.40
CA LEU A 173 -0.01 11.27 20.12
C LEU A 173 0.69 12.64 20.10
N MET A 174 0.29 13.52 21.03
CA MET A 174 0.86 14.89 21.12
C MET A 174 2.33 14.78 21.52
N ASN A 175 2.81 13.69 22.11
CA ASN A 175 4.26 13.51 22.37
C ASN A 175 4.99 13.25 21.06
N ASP A 176 4.42 12.41 20.20
CA ASP A 176 5.05 12.12 18.88
C ASP A 176 5.16 13.45 18.17
N GLY A 177 4.07 14.22 18.15
CA GLY A 177 4.08 15.51 17.47
C GLY A 177 5.15 16.45 17.99
N THR A 178 5.08 16.79 19.28
CA THR A 178 6.02 17.76 19.82
C THR A 178 7.44 17.21 19.85
N ALA A 179 7.62 15.90 19.89
CA ALA A 179 8.95 15.33 19.81
C ALA A 179 9.55 15.57 18.45
N ILE A 180 8.79 15.34 17.39
CA ILE A 180 9.29 15.66 16.05
C ILE A 180 9.59 17.15 15.94
N VAL A 181 8.77 17.99 16.58
CA VAL A 181 9.00 19.43 16.49
C VAL A 181 10.33 19.81 17.15
N VAL A 182 10.56 19.33 18.36
CA VAL A 182 11.80 19.65 19.05
C VAL A 182 12.99 19.06 18.31
N TYR A 183 12.83 17.88 17.72
CA TYR A 183 13.93 17.31 16.94
C TYR A 183 14.26 18.21 15.76
N GLN A 184 13.25 18.67 15.03
CA GLN A 184 13.51 19.53 13.88
C GLN A 184 14.22 20.80 14.31
N LEU A 185 13.80 21.38 15.44
CA LEU A 185 14.46 22.58 15.94
C LEU A 185 15.93 22.30 16.22
N PHE A 186 16.23 21.24 16.97
CA PHE A 186 17.62 20.96 17.30
C PHE A 186 18.42 20.54 16.07
N TYR A 187 17.73 20.03 15.05
CA TYR A 187 18.42 19.68 13.81
C TYR A 187 18.85 20.93 13.05
N ARG A 188 17.92 21.89 12.91
CA ARG A 188 18.31 23.18 12.35
C ARG A 188 19.44 23.80 13.15
N MET A 189 19.43 23.59 14.47
CA MET A 189 20.54 24.09 15.29
C MET A 189 21.85 23.41 14.94
N VAL A 190 21.84 22.08 14.82
CA VAL A 190 23.07 21.33 14.54
C VAL A 190 23.63 21.71 13.18
N LEU A 191 22.75 21.92 12.20
CA LEU A 191 23.18 22.24 10.85
C LEU A 191 24.00 23.54 10.83
N GLY A 192 23.57 24.54 11.59
CA GLY A 192 24.30 25.78 11.67
C GLY A 192 23.40 27.00 11.76
N ARG A 193 22.10 26.81 11.59
CA ARG A 193 21.16 27.91 11.66
C ARG A 193 21.11 28.47 13.08
N THR A 194 21.32 29.78 13.20
CA THR A 194 21.34 30.46 14.49
C THR A 194 19.93 30.92 14.84
N PHE A 195 19.59 30.83 16.12
CA PHE A 195 18.25 31.17 16.60
C PHE A 195 18.34 32.16 17.76
N ASP A 196 17.41 33.10 17.79
CA ASP A 196 17.22 33.96 18.95
C ASP A 196 15.89 33.59 19.62
N ALA A 197 15.56 34.32 20.69
CA ALA A 197 14.34 34.01 21.43
C ALA A 197 13.10 34.19 20.56
N GLY A 198 13.05 35.30 19.82
CA GLY A 198 11.90 35.53 18.96
C GLY A 198 11.79 34.51 17.85
N SER A 199 12.92 34.15 17.24
CA SER A 199 12.89 33.15 16.17
C SER A 199 12.38 31.82 16.67
N ILE A 200 12.81 31.40 17.86
CA ILE A 200 12.38 30.12 18.41
C ILE A 200 10.90 30.17 18.78
N ILE A 201 10.47 31.27 19.43
CA ILE A 201 9.08 31.39 19.84
C ILE A 201 8.15 31.60 18.65
N LYS A 202 8.68 31.94 17.48
CA LYS A 202 7.90 31.95 16.25
C LYS A 202 7.86 30.59 15.59
N PHE A 203 9.02 29.92 15.48
CA PHE A 203 9.06 28.57 14.93
C PHE A 203 8.10 27.61 15.61
N LEU A 204 8.24 27.45 16.92
CA LEU A 204 7.38 26.52 17.64
C LEU A 204 5.91 26.90 17.53
N SER A 205 5.62 28.19 17.70
CA SER A 205 4.23 28.65 17.67
C SER A 205 3.63 28.30 16.32
N GLU A 206 4.28 28.72 15.22
CA GLU A 206 3.70 28.42 13.91
C GLU A 206 3.61 26.92 13.68
N VAL A 207 4.72 26.19 13.83
CA VAL A 207 4.75 24.77 13.49
C VAL A 207 3.81 23.96 14.37
N SER A 208 3.41 24.47 15.53
CA SER A 208 2.42 23.72 16.30
C SER A 208 1.01 24.21 16.00
N LEU A 209 0.72 25.48 16.29
CA LEU A 209 -0.67 25.91 16.22
C LEU A 209 -1.19 26.07 14.80
N GLY A 210 -0.35 26.50 13.85
CA GLY A 210 -0.73 26.60 12.43
C GLY A 210 -1.01 25.26 11.80
N ALA A 211 -0.24 24.23 12.15
CA ALA A 211 -0.48 22.84 11.67
C ALA A 211 -1.81 22.35 12.23
N VAL A 212 -2.10 22.71 13.48
CA VAL A 212 -3.38 22.30 14.13
C VAL A 212 -4.54 22.81 13.28
N ALA A 213 -4.45 24.00 12.64
CA ALA A 213 -5.58 24.54 11.90
C ALA A 213 -5.86 23.74 10.63
N LEU A 214 -4.82 23.22 9.97
CA LEU A 214 -5.01 22.43 8.77
C LEU A 214 -5.90 21.23 9.05
N GLY A 215 -5.76 20.64 10.23
CA GLY A 215 -6.58 19.53 10.61
C GLY A 215 -8.05 19.79 10.42
N LEU A 216 -8.55 20.86 11.04
CA LEU A 216 -9.99 21.12 10.97
C LEU A 216 -10.40 21.74 9.64
N ALA A 217 -9.46 22.37 8.94
CA ALA A 217 -9.78 22.86 7.60
C ALA A 217 -10.14 21.64 6.75
N PHE A 218 -9.24 20.66 6.70
CA PHE A 218 -9.52 19.44 5.96
C PHE A 218 -10.73 18.71 6.54
N GLY A 219 -10.91 18.78 7.86
CA GLY A 219 -12.04 18.10 8.48
C GLY A 219 -13.37 18.65 8.04
N ILE A 220 -13.55 19.97 8.14
CA ILE A 220 -14.82 20.57 7.75
C ILE A 220 -15.04 20.42 6.25
N ALA A 221 -13.99 20.58 5.44
CA ALA A 221 -14.17 20.41 4.00
C ALA A 221 -14.65 19.00 3.68
N SER A 222 -13.97 18.00 4.21
CA SER A 222 -14.30 16.59 3.92
C SER A 222 -15.61 16.21 4.59
N VAL A 223 -16.05 16.88 5.67
CA VAL A 223 -17.36 16.61 6.35
C VAL A 223 -18.48 17.14 5.44
N LEU A 224 -18.32 18.34 4.83
CA LEU A 224 -19.29 18.83 3.85
C LEU A 224 -19.36 17.91 2.64
N TRP A 225 -18.21 17.48 2.12
CA TRP A 225 -18.20 16.60 0.98
C TRP A 225 -18.69 15.19 1.29
N LEU A 226 -18.72 14.80 2.57
CA LEU A 226 -19.38 13.58 3.00
C LEU A 226 -20.88 13.78 3.11
N GLY A 227 -21.32 15.02 3.30
CA GLY A 227 -22.72 15.33 3.38
C GLY A 227 -23.38 15.42 2.02
N PHE A 228 -22.64 15.88 1.02
CA PHE A 228 -23.20 15.96 -0.32
C PHE A 228 -23.51 14.58 -0.88
N ILE A 229 -22.62 13.61 -0.66
CA ILE A 229 -22.82 12.28 -1.19
C ILE A 229 -23.99 11.62 -0.50
N PHE A 230 -24.86 10.97 -1.28
CA PHE A 230 -26.03 10.30 -0.76
C PHE A 230 -25.91 8.80 -1.03
N ASN A 231 -26.57 8.03 -0.16
CA ASN A 231 -26.73 6.57 -0.28
C ASN A 231 -25.49 5.86 -0.80
N ASP A 232 -24.37 5.96 -0.08
CA ASP A 232 -23.16 5.27 -0.50
C ASP A 232 -22.28 5.06 0.73
N THR A 233 -21.44 4.00 0.73
CA THR A 233 -20.46 3.74 1.81
C THR A 233 -19.01 3.63 1.30
N ILE A 234 -18.73 2.84 0.26
CA ILE A 234 -17.36 2.64 -0.29
C ILE A 234 -16.66 3.97 -0.60
N ILE A 235 -17.29 4.93 -1.27
CA ILE A 235 -16.61 6.21 -1.64
C ILE A 235 -16.39 7.00 -0.35
N GLU A 236 -17.39 7.05 0.53
CA GLU A 236 -17.26 7.88 1.75
C GLU A 236 -16.02 7.45 2.54
N ILE A 237 -15.76 6.15 2.66
CA ILE A 237 -14.64 5.63 3.43
C ILE A 237 -13.33 5.88 2.70
N ALA A 238 -13.30 5.59 1.39
CA ALA A 238 -12.10 5.89 0.63
C ALA A 238 -11.78 7.39 0.65
N LEU A 239 -12.82 8.22 0.73
CA LEU A 239 -12.58 9.66 0.84
C LEU A 239 -11.85 10.00 2.13
N THR A 240 -12.33 9.47 3.25
CA THR A 240 -11.66 9.74 4.51
C THR A 240 -10.22 9.26 4.49
N LEU A 241 -9.98 8.08 3.93
CA LEU A 241 -8.62 7.56 3.85
C LEU A 241 -7.72 8.48 3.03
N ALA A 242 -8.19 8.88 1.84
CA ALA A 242 -7.39 9.76 0.99
C ALA A 242 -7.14 11.09 1.66
N VAL A 243 -8.13 11.61 2.42
CA VAL A 243 -7.96 12.89 3.08
C VAL A 243 -6.92 12.81 4.18
N SER A 244 -6.97 11.73 4.98
CA SER A 244 -5.92 11.53 5.98
C SER A 244 -4.55 11.45 5.33
N TYR A 245 -4.44 10.75 4.20
CA TYR A 245 -3.14 10.59 3.58
C TYR A 245 -2.67 11.85 2.86
N ILE A 246 -3.57 12.75 2.50
CA ILE A 246 -3.15 13.99 1.85
C ILE A 246 -2.84 15.08 2.87
N ALA A 247 -3.46 15.03 4.05
CA ALA A 247 -3.19 16.05 5.05
C ALA A 247 -1.75 15.95 5.56
N PHE A 248 -1.25 14.73 5.71
CA PHE A 248 0.13 14.56 6.17
C PHE A 248 1.10 15.24 5.22
N PHE A 249 0.92 15.06 3.91
CA PHE A 249 1.83 15.68 2.96
C PHE A 249 1.63 17.19 2.93
N THR A 250 0.37 17.65 3.00
CA THR A 250 0.09 19.08 3.02
C THR A 250 0.71 19.75 4.24
N ALA A 251 0.91 19.01 5.33
CA ALA A 251 1.52 19.59 6.52
C ALA A 251 3.04 19.47 6.48
N GLN A 252 3.57 18.27 6.32
CA GLN A 252 5.03 18.04 6.47
C GLN A 252 5.84 18.64 5.31
N ASP A 253 5.31 18.75 4.08
CA ASP A 253 6.09 19.21 2.95
C ASP A 253 5.55 20.46 2.23
N ALA A 254 4.26 20.74 2.40
CA ALA A 254 3.75 21.91 1.66
C ALA A 254 3.85 23.15 2.56
N LEU A 255 3.45 23.05 3.82
CA LEU A 255 3.39 24.27 4.68
C LEU A 255 4.51 24.32 5.73
N GLU A 256 5.48 23.40 5.70
CA GLU A 256 6.63 23.40 6.65
C GLU A 256 6.14 23.34 8.09
N VAL A 257 5.09 22.57 8.37
CA VAL A 257 4.54 22.36 9.71
C VAL A 257 4.45 20.89 10.07
N SER A 258 4.13 20.63 11.34
CA SER A 258 4.07 19.27 11.84
C SER A 258 2.88 18.52 11.26
N GLY A 259 3.09 17.27 10.90
CA GLY A 259 2.03 16.48 10.29
C GLY A 259 1.24 15.66 11.27
N VAL A 260 1.86 15.35 12.41
CA VAL A 260 1.21 14.50 13.41
C VAL A 260 0.04 15.20 14.07
N LEU A 261 0.20 16.47 14.45
CA LEU A 261 -0.92 17.21 15.02
C LEU A 261 -2.00 17.44 13.97
N THR A 262 -1.63 17.59 12.69
CA THR A 262 -2.60 17.79 11.57
C THR A 262 -3.47 16.54 11.45
N VAL A 263 -2.88 15.35 11.29
CA VAL A 263 -3.65 14.09 11.12
C VAL A 263 -4.34 13.79 12.45
N MET A 264 -3.87 14.31 13.59
CA MET A 264 -4.49 14.07 14.93
C MET A 264 -5.74 14.94 15.09
N THR A 265 -5.73 16.19 14.66
CA THR A 265 -6.89 17.12 14.74
C THR A 265 -7.93 16.66 13.71
N LEU A 266 -7.51 16.02 12.61
CA LEU A 266 -8.41 15.46 11.57
C LEU A 266 -9.10 14.20 12.12
N GLY A 267 -8.43 13.34 12.91
CA GLY A 267 -9.08 12.16 13.45
C GLY A 267 -10.07 12.40 14.57
N MET A 268 -9.77 13.35 15.47
CA MET A 268 -10.72 13.65 16.53
C MET A 268 -11.93 14.47 16.03
N PHE A 269 -11.71 15.27 14.98
CA PHE A 269 -12.83 16.00 14.40
C PHE A 269 -13.78 14.97 13.82
N TYR A 270 -13.24 13.94 13.18
CA TYR A 270 -14.11 12.87 12.71
C TYR A 270 -14.74 12.10 13.86
N ALA A 271 -14.00 11.89 14.94
CA ALA A 271 -14.58 11.25 16.10
C ALA A 271 -15.69 12.10 16.70
N ALA A 272 -15.64 13.41 16.47
CA ALA A 272 -16.68 14.29 16.99
C ALA A 272 -17.91 14.29 16.09
N PHE A 273 -17.72 14.36 14.78
CA PHE A 273 -18.81 14.48 13.82
C PHE A 273 -19.00 13.23 12.98
N ALA A 274 -18.80 12.06 13.56
CA ALA A 274 -19.05 10.82 12.83
C ALA A 274 -20.54 10.62 12.58
N LYS A 275 -21.39 11.01 13.53
CA LYS A 275 -22.80 10.66 13.43
C LYS A 275 -23.48 11.41 12.30
N THR A 276 -23.13 12.68 12.09
CA THR A 276 -23.77 13.45 11.03
C THR A 276 -23.39 12.93 9.66
N ALA A 277 -22.16 12.43 9.50
CA ALA A 277 -21.69 12.05 8.15
C ALA A 277 -21.99 10.58 7.84
N PHE A 278 -22.02 9.73 8.86
CA PHE A 278 -22.23 8.29 8.61
C PHE A 278 -23.38 7.84 9.51
N LYS A 279 -24.34 7.11 8.95
CA LYS A 279 -25.53 6.67 9.75
C LYS A 279 -25.86 5.23 9.39
N GLY A 280 -26.42 4.48 10.33
CA GLY A 280 -26.80 3.07 10.08
C GLY A 280 -25.60 2.16 9.99
N ASP A 281 -25.61 1.19 9.05
CA ASP A 281 -24.49 0.22 8.89
C ASP A 281 -23.22 0.95 8.43
N SER A 282 -23.34 2.08 7.74
CA SER A 282 -22.17 2.78 7.19
C SER A 282 -21.21 3.16 8.32
N GLN A 283 -21.75 3.58 9.47
CA GLN A 283 -20.88 3.87 10.64
C GLN A 283 -20.18 2.58 11.09
N GLN A 284 -20.89 1.46 11.15
CA GLN A 284 -20.28 0.20 11.66
C GLN A 284 -19.15 -0.27 10.72
N SER A 285 -19.38 -0.25 9.41
CA SER A 285 -18.35 -0.69 8.43
C SER A 285 -17.15 0.25 8.47
N LEU A 286 -17.40 1.55 8.62
CA LEU A 286 -16.29 2.54 8.67
C LEU A 286 -15.28 2.06 9.71
N HIS A 287 -15.76 1.57 10.85
CA HIS A 287 -14.86 1.17 11.90
C HIS A 287 -14.09 -0.08 11.53
N HIS A 288 -14.80 -1.09 10.99
CA HIS A 288 -14.11 -2.34 10.70
C HIS A 288 -12.99 -2.14 9.69
N PHE A 289 -13.27 -1.40 8.61
CA PHE A 289 -12.20 -1.15 7.64
C PHE A 289 -11.02 -0.47 8.29
N TRP A 290 -11.29 0.54 9.11
CA TRP A 290 -10.17 1.25 9.71
C TRP A 290 -9.40 0.35 10.64
N GLU A 291 -10.10 -0.55 11.33
CA GLU A 291 -9.42 -1.53 12.17
C GLU A 291 -8.37 -2.35 11.43
N MET A 292 -8.74 -2.90 10.27
CA MET A 292 -7.75 -3.61 9.46
C MET A 292 -6.56 -2.74 9.06
N VAL A 293 -6.85 -1.50 8.63
CA VAL A 293 -5.78 -0.65 8.14
C VAL A 293 -4.85 -0.46 9.33
N ALA A 294 -5.43 -0.32 10.52
CA ALA A 294 -4.61 -0.21 11.72
C ALA A 294 -3.79 -1.46 11.91
N TYR A 295 -4.45 -2.62 11.92
CA TYR A 295 -3.79 -3.87 12.26
C TYR A 295 -2.63 -4.13 11.30
N ILE A 296 -2.92 -4.18 10.01
CA ILE A 296 -1.88 -4.32 9.00
C ILE A 296 -0.74 -3.35 9.29
N ALA A 297 -1.05 -2.04 9.38
CA ALA A 297 -0.03 -1.00 9.61
C ALA A 297 0.73 -1.29 10.88
N ASN A 298 0.10 -1.85 11.93
CA ASN A 298 0.73 -2.23 13.23
C ASN A 298 1.65 -3.44 13.04
N THR A 299 1.27 -4.44 12.27
CA THR A 299 2.11 -5.66 12.05
C THR A 299 3.37 -5.27 11.30
N LEU A 300 3.26 -4.47 10.23
CA LEU A 300 4.39 -4.13 9.34
C LEU A 300 5.30 -3.17 10.08
N ILE A 301 4.76 -2.23 10.84
CA ILE A 301 5.64 -1.22 11.48
C ILE A 301 6.56 -1.95 12.46
N PHE A 302 6.02 -2.85 13.29
CA PHE A 302 6.88 -3.50 14.33
C PHE A 302 7.92 -4.45 13.71
N ILE A 303 7.54 -5.25 12.71
CA ILE A 303 8.52 -6.24 12.16
C ILE A 303 9.61 -5.44 11.47
N LEU A 304 9.25 -4.50 10.58
CA LEU A 304 10.24 -3.63 9.96
C LEU A 304 11.11 -2.97 11.01
N SER A 305 10.51 -2.45 12.10
CA SER A 305 11.31 -1.81 13.13
C SER A 305 12.40 -2.75 13.63
N GLY A 306 12.01 -3.97 14.00
CA GLY A 306 12.99 -4.94 14.45
C GLY A 306 14.09 -5.15 13.42
N VAL A 307 13.70 -5.34 12.17
CA VAL A 307 14.70 -5.54 11.13
C VAL A 307 15.69 -4.39 11.15
N VAL A 308 15.18 -3.16 11.16
CA VAL A 308 16.03 -1.98 11.13
C VAL A 308 17.03 -2.03 12.26
N ILE A 309 16.55 -2.30 13.47
CA ILE A 309 17.44 -2.21 14.63
C ILE A 309 18.49 -3.30 14.56
N ALA A 310 18.12 -4.47 14.06
CA ALA A 310 19.11 -5.52 13.89
C ALA A 310 20.19 -5.05 12.92
N ASP A 311 19.78 -4.45 11.82
CA ASP A 311 20.72 -3.86 10.89
C ASP A 311 21.65 -2.90 11.63
N GLY A 312 21.07 -2.02 12.45
CA GLY A 312 21.88 -1.01 13.10
C GLY A 312 22.90 -1.61 14.04
N VAL A 313 22.63 -2.79 14.61
CA VAL A 313 23.70 -3.38 15.47
C VAL A 313 24.80 -3.99 14.59
N LEU A 314 24.43 -4.80 13.57
CA LEU A 314 25.37 -5.64 12.78
C LEU A 314 26.01 -4.96 11.57
N GLU A 315 25.44 -3.87 11.04
CA GLU A 315 25.94 -3.26 9.77
C GLU A 315 27.38 -2.84 9.99
N ASN A 316 27.71 -2.32 11.16
CA ASN A 316 29.08 -1.90 11.53
C ASN A 316 29.35 -2.58 12.87
N ASN A 317 29.40 -3.91 12.92
CA ASN A 317 29.60 -4.67 14.19
C ASN A 317 31.08 -4.58 14.55
N VAL A 318 31.96 -4.63 13.54
CA VAL A 318 33.43 -4.52 13.79
C VAL A 318 33.68 -3.15 14.41
N HIS A 319 33.05 -2.09 13.87
CA HIS A 319 33.26 -0.70 14.34
C HIS A 319 32.79 -0.48 15.78
N PHE A 320 31.60 -0.96 16.15
CA PHE A 320 30.97 -0.70 17.47
C PHE A 320 29.97 -1.81 17.81
N GLU A 321 29.45 -1.87 19.04
CA GLU A 321 28.49 -2.89 19.50
C GLU A 321 29.27 -4.20 19.63
N ARG A 322 30.58 -4.15 19.91
CA ARG A 322 31.39 -5.37 20.24
C ARG A 322 32.08 -5.32 21.61
N HIS A 323 32.83 -4.25 21.92
CA HIS A 323 33.48 -4.04 23.26
C HIS A 323 32.32 -3.76 24.20
N GLY A 324 32.35 -4.29 25.42
CA GLY A 324 31.20 -4.16 26.33
C GLY A 324 30.91 -2.79 26.92
N ALA A 325 31.83 -1.85 26.75
CA ALA A 325 31.65 -0.52 27.40
C ALA A 325 30.43 0.18 26.81
N SER A 326 30.25 0.09 25.48
CA SER A 326 29.08 0.73 24.84
C SER A 326 27.80 0.11 25.40
N TRP A 327 27.79 -1.20 25.60
CA TRP A 327 26.57 -1.89 26.10
C TRP A 327 26.22 -1.41 27.51
N GLY A 328 27.21 -1.10 28.36
CA GLY A 328 26.92 -0.58 29.68
C GLY A 328 26.32 0.81 29.64
N PHE A 329 26.88 1.67 28.79
CA PHE A 329 26.27 2.98 28.60
C PHE A 329 24.84 2.92 28.12
N LEU A 330 24.48 1.81 27.47
CA LEU A 330 23.11 1.62 26.92
C LEU A 330 22.12 1.33 28.04
N LEU A 331 22.52 0.63 29.12
CA LEU A 331 21.68 0.44 30.31
C LEU A 331 21.70 1.71 31.15
N LEU A 332 22.82 2.42 31.16
CA LEU A 332 22.84 3.72 31.83
C LEU A 332 21.82 4.66 31.23
N LEU A 333 21.78 4.75 29.89
CA LEU A 333 20.79 5.59 29.23
C LEU A 333 19.38 5.09 29.50
N TYR A 334 19.23 3.78 29.65
CA TYR A 334 17.90 3.22 29.96
C TYR A 334 17.40 3.70 31.32
N VAL A 335 18.24 3.57 32.34
CA VAL A 335 17.82 4.03 33.67
C VAL A 335 17.66 5.54 33.67
N PHE A 336 18.42 6.25 32.83
CA PHE A 336 18.21 7.68 32.68
C PHE A 336 16.83 7.99 32.11
N VAL A 337 16.38 7.15 31.17
CA VAL A 337 15.07 7.36 30.48
C VAL A 337 13.88 7.31 31.45
N GLN A 338 13.81 6.28 32.29
CA GLN A 338 12.70 6.20 33.27
C GLN A 338 12.84 7.23 34.41
N ILE A 339 14.08 7.61 34.73
CA ILE A 339 14.32 8.58 35.84
C ILE A 339 13.67 9.88 35.34
N SER A 340 13.90 10.27 34.08
CA SER A 340 13.28 11.47 33.53
C SER A 340 11.75 11.38 33.40
N ARG A 341 11.27 10.18 33.10
CA ARG A 341 9.82 9.97 33.06
C ARG A 341 9.32 10.24 34.47
N ILE A 342 9.97 9.64 35.47
CA ILE A 342 9.56 9.87 36.85
C ILE A 342 9.68 11.36 37.14
N LEU A 343 10.77 11.98 36.68
CA LEU A 343 10.99 13.40 36.93
C LEU A 343 9.88 14.25 36.33
N VAL A 344 9.50 13.97 35.08
CA VAL A 344 8.43 14.73 34.45
C VAL A 344 7.11 14.62 35.21
N VAL A 345 6.75 13.40 35.61
CA VAL A 345 5.43 13.28 36.24
C VAL A 345 5.45 13.87 37.64
N VAL A 346 6.58 13.81 38.34
CA VAL A 346 6.66 14.42 39.67
C VAL A 346 6.53 15.93 39.56
N ILE A 347 7.17 16.52 38.55
CA ILE A 347 7.07 17.97 38.39
C ILE A 347 5.66 18.38 38.01
N LEU A 348 5.00 17.61 37.15
CA LEU A 348 3.67 18.00 36.67
C LEU A 348 2.53 17.46 37.54
N TYR A 349 2.83 16.80 38.65
CA TYR A 349 1.75 16.24 39.47
C TYR A 349 0.70 17.24 39.95
N PRO A 350 1.03 18.40 40.50
CA PRO A 350 -0.04 19.28 41.01
C PRO A 350 -1.02 19.76 39.95
N LEU A 351 -0.49 20.21 38.82
CA LEU A 351 -1.34 20.61 37.70
C LEU A 351 -2.21 19.45 37.24
N LEU A 352 -1.61 18.28 37.08
CA LEU A 352 -2.35 17.10 36.62
C LEU A 352 -3.39 16.74 37.67
N ARG A 353 -3.14 17.15 38.92
CA ARG A 353 -4.10 16.85 40.03
C ARG A 353 -5.43 17.60 39.84
N HIS A 354 -5.42 18.92 40.01
CA HIS A 354 -6.67 19.73 39.85
C HIS A 354 -7.32 19.74 38.47
N PHE A 355 -6.53 19.67 37.39
CA PHE A 355 -7.09 19.75 36.02
C PHE A 355 -7.84 18.48 35.67
N GLY A 356 -8.84 18.58 34.78
CA GLY A 356 -9.60 17.41 34.33
C GLY A 356 -10.19 16.64 35.50
N TYR A 357 -10.06 15.32 35.49
CA TYR A 357 -10.51 14.52 36.66
C TYR A 357 -9.25 14.28 37.49
N GLY A 358 -9.37 14.15 38.80
CA GLY A 358 -8.17 14.01 39.63
C GLY A 358 -7.36 12.78 39.26
N LEU A 359 -6.04 12.92 39.17
CA LEU A 359 -5.18 11.74 38.89
C LEU A 359 -4.69 11.21 40.25
N ASP A 360 -5.06 9.97 40.59
CA ASP A 360 -4.68 9.42 41.91
C ASP A 360 -3.28 8.85 41.84
N LEU A 361 -2.71 8.41 42.96
CA LEU A 361 -1.33 7.96 42.91
C LEU A 361 -1.08 6.75 42.01
N LYS A 362 -2.04 5.82 41.96
CA LYS A 362 -1.84 4.62 41.14
C LYS A 362 -1.83 4.93 39.66
N GLU A 363 -2.77 5.76 39.20
CA GLU A 363 -2.75 6.17 37.80
C GLU A 363 -1.47 6.93 37.48
N ALA A 364 -1.00 7.74 38.44
CA ALA A 364 0.27 8.42 38.23
C ALA A 364 1.34 7.35 38.14
N THR A 365 1.19 6.25 38.88
CA THR A 365 2.21 5.15 38.84
C THR A 365 2.22 4.51 37.45
N ILE A 366 1.05 4.26 36.84
CA ILE A 366 0.98 3.71 35.46
C ILE A 366 1.58 4.72 34.46
N LEU A 367 1.36 6.03 34.67
CA LEU A 367 1.99 7.06 33.79
C LEU A 367 3.52 7.01 33.93
N VAL A 368 4.06 6.74 35.12
CA VAL A 368 5.53 6.55 35.28
C VAL A 368 5.94 5.41 34.35
N TRP A 369 5.21 4.28 34.37
CA TRP A 369 5.47 3.21 33.45
C TRP A 369 4.86 3.57 32.10
N ALA A 370 4.83 2.64 31.15
CA ALA A 370 4.24 2.87 29.84
C ALA A 370 4.93 4.03 29.12
N GLY A 371 6.24 4.06 29.18
CA GLY A 371 7.01 5.01 28.41
C GLY A 371 7.65 4.36 27.19
N LEU A 372 6.98 3.34 26.66
CA LEU A 372 7.54 2.54 25.56
C LEU A 372 7.87 3.42 24.37
N ARG A 373 9.05 3.19 23.78
CA ARG A 373 9.46 3.94 22.61
C ARG A 373 8.84 3.32 21.36
N GLY A 374 8.70 4.14 20.31
CA GLY A 374 8.01 3.74 19.12
C GLY A 374 8.84 4.02 17.87
N ALA A 375 8.28 3.61 16.73
CA ALA A 375 8.98 3.77 15.46
C ALA A 375 9.13 5.24 15.08
N VAL A 376 8.31 6.12 15.68
CA VAL A 376 8.39 7.54 15.38
C VAL A 376 9.77 8.08 15.68
N ALA A 377 10.43 7.55 16.70
CA ALA A 377 11.78 8.00 17.00
C ALA A 377 12.81 7.19 16.22
N LEU A 378 12.44 6.02 15.72
CA LEU A 378 13.30 5.31 14.78
C LEU A 378 13.51 6.12 13.51
N SER A 379 12.43 6.74 13.01
CA SER A 379 12.58 7.59 11.84
C SER A 379 13.55 8.72 12.10
N LEU A 380 13.51 9.31 13.29
CA LEU A 380 14.38 10.44 13.59
C LEU A 380 15.84 10.00 13.71
N SER A 381 16.09 8.88 14.39
CA SER A 381 17.45 8.37 14.49
C SER A 381 18.01 8.06 13.11
N LEU A 382 17.21 7.41 12.26
CA LEU A 382 17.65 7.13 10.91
C LEU A 382 17.83 8.41 10.11
N SER A 383 17.08 9.46 10.44
CA SER A 383 17.28 10.77 9.76
C SER A 383 18.68 11.28 10.07
N VAL A 384 19.07 11.24 11.35
CA VAL A 384 20.41 11.77 11.75
C VAL A 384 21.49 10.94 11.07
N LYS A 385 21.35 9.61 11.05
CA LYS A 385 22.44 8.77 10.48
C LYS A 385 22.60 9.07 8.99
N ARG A 386 21.48 9.24 8.27
CA ARG A 386 21.57 9.48 6.80
C ARG A 386 22.28 10.81 6.57
N ALA A 387 21.98 11.83 7.39
CA ALA A 387 22.69 13.12 7.28
C ALA A 387 24.18 12.92 7.61
N SER A 388 24.48 12.15 8.65
CA SER A 388 25.89 11.96 9.09
C SER A 388 26.75 11.32 8.01
N ASP A 389 26.19 10.35 7.28
CA ASP A 389 26.94 9.68 6.18
C ASP A 389 27.28 10.73 5.12
N ALA A 390 26.37 11.65 4.84
CA ALA A 390 26.61 12.74 3.87
C ALA A 390 27.47 13.90 4.42
N VAL A 391 27.78 14.89 3.57
CA VAL A 391 28.53 16.07 4.09
C VAL A 391 27.80 16.69 5.28
N GLN A 392 28.48 16.88 6.42
CA GLN A 392 27.74 17.31 7.64
C GLN A 392 28.69 18.24 8.39
N THR A 393 28.12 19.20 9.13
CA THR A 393 28.95 20.03 10.04
C THR A 393 28.70 19.65 11.50
N HIS A 394 29.74 19.46 12.30
CA HIS A 394 29.61 18.98 13.71
C HIS A 394 29.17 17.52 13.74
N LEU A 395 28.10 17.17 13.01
CA LEU A 395 27.65 15.75 12.93
C LEU A 395 28.73 15.05 12.12
N LYS A 396 29.08 13.84 12.51
CA LYS A 396 30.09 13.03 11.77
C LYS A 396 29.46 11.63 11.68
N PRO A 397 29.92 10.71 10.79
CA PRO A 397 29.25 9.42 10.66
C PRO A 397 29.16 8.58 11.94
N VAL A 398 30.22 8.56 12.76
CA VAL A 398 30.23 7.75 14.01
C VAL A 398 29.18 8.27 15.00
N ASP A 399 28.80 9.54 14.93
CA ASP A 399 27.83 10.19 15.84
C ASP A 399 26.46 9.68 15.40
N GLY A 400 26.21 9.61 14.09
CA GLY A 400 24.94 9.06 13.59
C GLY A 400 25.00 7.59 13.95
N THR A 401 26.18 6.98 13.85
CA THR A 401 26.34 5.54 14.20
C THR A 401 25.78 5.27 15.65
N MET A 402 26.29 6.09 16.58
CA MET A 402 25.80 6.04 17.98
C MET A 402 24.30 6.18 18.24
N PHE A 403 23.68 7.23 17.71
CA PHE A 403 22.22 7.46 17.88
C PHE A 403 21.39 6.27 17.42
N VAL A 404 21.78 5.65 16.30
CA VAL A 404 20.96 4.53 15.74
C VAL A 404 20.91 3.37 16.73
N PHE A 405 22.05 2.98 17.31
CA PHE A 405 21.96 1.92 18.34
C PHE A 405 21.26 2.43 19.60
N PHE A 406 21.54 3.68 20.03
CA PHE A 406 20.97 4.14 21.32
C PHE A 406 19.44 4.25 21.24
N THR A 407 18.89 4.82 20.18
CA THR A 407 17.41 4.84 20.06
C THR A 407 16.89 3.42 19.92
N GLY A 408 17.56 2.61 19.08
CA GLY A 408 17.08 1.23 18.84
C GLY A 408 17.12 0.40 20.11
N GLY A 409 18.19 0.53 20.89
CA GLY A 409 18.32 -0.23 22.14
C GLY A 409 17.22 0.17 23.11
N ILE A 410 16.94 1.47 23.24
CA ILE A 410 15.88 1.93 24.18
C ILE A 410 14.52 1.45 23.63
N VAL A 411 14.36 1.33 22.31
CA VAL A 411 13.07 0.78 21.78
C VAL A 411 12.91 -0.67 22.23
N PHE A 412 13.96 -1.48 22.08
CA PHE A 412 13.88 -2.91 22.46
C PHE A 412 13.73 -3.05 23.97
N LEU A 413 14.56 -2.33 24.73
CA LEU A 413 14.55 -2.49 26.20
C LEU A 413 13.20 -2.04 26.75
N THR A 414 12.65 -0.91 26.29
CA THR A 414 11.38 -0.45 26.90
C THR A 414 10.26 -1.46 26.67
N LEU A 415 10.09 -1.95 25.45
CA LEU A 415 8.92 -2.84 25.22
C LEU A 415 9.07 -4.17 25.96
N ILE A 416 10.27 -4.76 25.95
CA ILE A 416 10.49 -6.09 26.60
C ILE A 416 10.36 -5.91 28.11
N PHE A 417 10.87 -4.80 28.67
CA PHE A 417 10.83 -4.70 30.15
C PHE A 417 9.60 -3.90 30.58
N ASN A 418 9.47 -2.64 30.16
CA ASN A 418 8.35 -1.81 30.66
C ASN A 418 7.02 -2.39 30.19
N GLY A 419 6.92 -2.78 28.91
CA GLY A 419 5.64 -3.29 28.38
C GLY A 419 5.21 -4.62 28.97
N SER A 420 6.13 -5.58 29.09
CA SER A 420 5.79 -6.92 29.63
C SER A 420 5.44 -6.86 31.11
N THR A 421 6.17 -6.07 31.91
CA THR A 421 5.95 -6.05 33.37
C THR A 421 4.77 -5.13 33.73
N THR A 422 4.20 -4.45 32.74
CA THR A 422 3.01 -3.58 32.98
C THR A 422 1.95 -4.59 33.41
N GLN A 423 1.98 -5.79 32.85
CA GLN A 423 0.98 -6.83 33.21
C GLN A 423 0.94 -7.02 34.75
N PHE A 424 2.12 -7.23 35.34
CA PHE A 424 2.20 -7.43 36.81
C PHE A 424 1.64 -6.33 37.72
N LEU A 425 1.91 -5.06 37.38
CA LEU A 425 1.40 -3.94 38.20
C LEU A 425 -0.13 -3.86 38.25
N LEU A 426 -0.80 -3.97 37.10
CA LEU A 426 -2.28 -3.82 37.10
C LEU A 426 -3.03 -5.04 37.64
N HIS A 427 -2.56 -6.25 37.32
CA HIS A 427 -3.28 -7.49 37.72
C HIS A 427 -3.16 -7.71 39.23
N LEU A 428 -1.96 -7.62 39.79
CA LEU A 428 -1.80 -7.97 41.22
C LEU A 428 -1.65 -6.76 42.14
N LEU A 429 -0.74 -5.85 41.82
CA LEU A 429 -0.50 -4.69 42.72
C LEU A 429 -1.71 -3.76 42.74
N GLY A 430 -2.45 -3.70 41.63
CA GLY A 430 -3.70 -2.91 41.59
C GLY A 430 -4.89 -3.76 41.20
N GLU B 7 11.73 13.99 -2.15
CA GLU B 7 11.57 13.20 -3.40
C GLU B 7 10.68 11.97 -3.16
N PRO B 8 10.89 11.11 -2.13
CA PRO B 8 10.00 9.98 -1.90
C PRO B 8 8.56 10.37 -1.58
N ASP B 9 8.35 11.49 -0.88
CA ASP B 9 6.99 11.86 -0.42
C ASP B 9 6.10 12.31 -1.59
N ASP B 10 6.73 12.79 -2.66
CA ASP B 10 5.96 13.28 -3.82
C ASP B 10 5.06 12.14 -4.30
N ALA B 11 5.51 10.90 -4.17
CA ALA B 11 4.70 9.72 -4.56
C ALA B 11 3.46 9.58 -3.66
N VAL B 12 3.59 9.77 -2.34
CA VAL B 12 2.42 9.56 -1.43
C VAL B 12 1.40 10.62 -1.78
N LEU B 13 1.89 11.80 -2.19
CA LEU B 13 0.99 12.86 -2.64
C LEU B 13 0.20 12.43 -3.86
N PHE B 14 0.87 11.81 -4.83
CA PHE B 14 0.17 11.41 -6.04
C PHE B 14 -0.85 10.32 -5.77
N VAL B 15 -0.52 9.39 -4.88
CA VAL B 15 -1.50 8.35 -4.53
C VAL B 15 -2.76 9.00 -3.95
N GLY B 16 -2.57 9.91 -2.99
CA GLY B 16 -3.72 10.57 -2.40
C GLY B 16 -4.53 11.36 -3.41
N VAL B 17 -3.86 12.12 -4.28
CA VAL B 17 -4.55 12.94 -5.26
C VAL B 17 -5.34 12.06 -6.22
N SER B 18 -4.75 10.96 -6.68
CA SER B 18 -5.39 10.02 -7.63
C SER B 18 -6.61 9.37 -7.03
N LEU B 19 -6.58 9.03 -5.75
CA LEU B 19 -7.76 8.41 -5.09
C LEU B 19 -8.83 9.49 -4.86
N VAL B 20 -8.49 10.77 -4.59
CA VAL B 20 -9.48 11.83 -4.47
C VAL B 20 -10.14 12.05 -5.82
N LEU B 21 -9.36 12.00 -6.90
CA LEU B 21 -9.95 12.10 -8.23
C LEU B 21 -10.92 10.95 -8.48
N GLY B 22 -10.59 9.79 -7.91
CA GLY B 22 -11.50 8.65 -8.03
C GLY B 22 -12.86 8.90 -7.41
N ILE B 23 -12.92 9.40 -6.16
CA ILE B 23 -14.20 9.64 -5.39
C ILE B 23 -14.94 10.84 -6.00
N ALA B 24 -14.27 11.74 -6.71
CA ALA B 24 -14.93 12.82 -7.47
C ALA B 24 -15.61 12.15 -8.66
N SER B 25 -14.83 11.42 -9.48
CA SER B 25 -15.41 10.85 -10.68
C SER B 25 -16.42 9.75 -10.40
N ARG B 26 -16.50 9.25 -9.17
CA ARG B 26 -17.59 8.34 -8.83
C ARG B 26 -18.78 9.04 -8.22
N HIS B 27 -18.58 10.12 -7.46
CA HIS B 27 -19.73 10.90 -7.01
C HIS B 27 -20.45 11.53 -8.18
N LEU B 28 -19.73 12.22 -9.05
CA LEU B 28 -20.27 12.52 -10.36
C LEU B 28 -20.21 11.26 -11.23
N LEU B 29 -20.78 11.36 -12.43
CA LEU B 29 -20.66 10.31 -13.43
C LEU B 29 -21.08 8.94 -12.88
N ARG B 30 -22.07 8.94 -12.00
CA ARG B 30 -22.67 7.71 -11.48
C ARG B 30 -24.12 7.68 -11.92
N GLY B 31 -24.57 6.54 -12.44
CA GLY B 31 -25.87 6.44 -13.03
C GLY B 31 -26.02 7.17 -14.35
N THR B 32 -25.05 7.99 -14.73
CA THR B 32 -25.06 8.68 -16.00
C THR B 32 -24.65 7.70 -17.10
N ARG B 33 -24.70 8.14 -18.35
CA ARG B 33 -24.34 7.31 -19.48
C ARG B 33 -22.84 7.19 -19.67
N VAL B 34 -22.04 7.98 -18.96
CA VAL B 34 -20.59 7.91 -19.04
C VAL B 34 -20.09 7.15 -17.82
N PRO B 35 -19.56 5.95 -17.98
CA PRO B 35 -19.19 5.14 -16.82
C PRO B 35 -17.89 5.59 -16.16
N TYR B 36 -17.49 4.82 -15.15
CA TYR B 36 -16.38 5.21 -14.28
C TYR B 36 -15.05 5.15 -15.01
N THR B 37 -14.74 3.99 -15.60
CA THR B 37 -13.38 3.70 -16.03
C THR B 37 -12.92 4.63 -17.13
N VAL B 38 -13.80 4.93 -18.09
CA VAL B 38 -13.41 5.82 -19.17
C VAL B 38 -13.04 7.19 -18.62
N ALA B 39 -13.82 7.69 -17.66
CA ALA B 39 -13.52 8.99 -17.06
C ALA B 39 -12.20 8.95 -16.29
N LEU B 40 -11.98 7.88 -15.55
CA LEU B 40 -10.69 7.71 -14.87
C LEU B 40 -9.54 7.80 -15.86
N LEU B 41 -9.63 7.08 -16.96
CA LEU B 41 -8.52 7.05 -17.89
C LEU B 41 -8.32 8.41 -18.56
N VAL B 42 -9.42 9.13 -18.82
CA VAL B 42 -9.27 10.46 -19.41
C VAL B 42 -8.59 11.41 -18.43
N LEU B 43 -8.98 11.36 -17.15
CA LEU B 43 -8.32 12.22 -16.17
C LEU B 43 -6.84 11.87 -16.05
N GLY B 44 -6.51 10.58 -16.12
CA GLY B 44 -5.11 10.20 -16.09
C GLY B 44 -4.33 10.76 -17.26
N VAL B 45 -4.91 10.65 -18.47
CA VAL B 45 -4.26 11.23 -19.64
C VAL B 45 -4.12 12.75 -19.47
N ALA B 46 -5.11 13.37 -18.83
CA ALA B 46 -5.06 14.82 -18.62
C ALA B 46 -3.88 15.23 -17.75
N LEU B 47 -3.74 14.61 -16.58
CA LEU B 47 -2.61 14.91 -15.72
C LEU B 47 -1.28 14.61 -16.39
N GLY B 48 -1.19 13.46 -17.08
CA GLY B 48 0.05 13.11 -17.74
C GLY B 48 0.42 14.14 -18.79
N SER B 49 -0.58 14.60 -19.56
CA SER B 49 -0.33 15.62 -20.57
C SER B 49 0.09 16.93 -19.93
N LEU B 50 -0.62 17.34 -18.88
CA LEU B 50 -0.28 18.59 -18.21
C LEU B 50 1.14 18.66 -17.68
N GLU B 51 1.66 17.54 -17.16
CA GLU B 51 3.02 17.56 -16.65
C GLU B 51 4.07 17.41 -17.74
N PHE B 52 3.88 16.44 -18.65
CA PHE B 52 4.92 16.13 -19.62
C PHE B 52 4.92 17.17 -20.73
N GLY B 53 3.75 17.41 -21.34
CA GLY B 53 3.69 18.32 -22.47
C GLY B 53 4.01 19.76 -22.08
N THR B 54 3.33 20.26 -21.05
CA THR B 54 3.56 21.63 -20.59
C THR B 54 4.94 21.73 -19.97
N LYS B 55 5.89 22.33 -20.68
CA LYS B 55 7.24 22.48 -20.17
C LYS B 55 7.31 23.34 -18.92
N HIS B 56 6.25 24.08 -18.60
CA HIS B 56 6.23 24.84 -17.35
C HIS B 56 6.28 23.92 -16.15
N GLY B 57 5.59 22.78 -16.22
CA GLY B 57 5.69 21.76 -15.22
C GLY B 57 4.87 22.07 -13.98
N MET B 58 4.73 21.06 -13.10
CA MET B 58 4.08 21.30 -11.77
C MET B 58 5.18 21.04 -10.74
N GLY B 59 5.34 21.93 -9.76
CA GLY B 59 6.48 21.82 -8.81
C GLY B 59 6.49 20.59 -7.91
N LYS B 60 5.35 20.17 -7.37
CA LYS B 60 5.38 19.05 -6.39
C LYS B 60 4.72 17.82 -7.02
N LEU B 61 3.44 17.92 -7.35
CA LEU B 61 2.72 16.76 -7.94
C LEU B 61 3.53 16.21 -9.10
N GLY B 62 4.18 17.09 -9.85
CA GLY B 62 4.86 16.61 -11.04
C GLY B 62 5.95 15.59 -10.75
N ALA B 63 6.69 15.80 -9.66
CA ALA B 63 7.75 14.86 -9.32
C ALA B 63 7.20 13.49 -9.00
N GLY B 64 6.11 13.44 -8.23
CA GLY B 64 5.47 12.17 -7.94
C GLY B 64 4.87 11.54 -9.18
N ILE B 65 4.30 12.36 -10.07
CA ILE B 65 3.78 11.83 -11.33
C ILE B 65 4.91 11.18 -12.10
N ARG B 66 6.07 11.84 -12.16
CA ARG B 66 7.20 11.27 -12.89
C ARG B 66 7.70 9.97 -12.29
N ILE B 67 7.78 9.89 -10.95
CA ILE B 67 8.23 8.66 -10.20
C ILE B 67 7.28 7.51 -10.58
N TRP B 68 5.98 7.72 -10.45
CA TRP B 68 4.93 6.69 -10.72
C TRP B 68 4.93 6.31 -12.19
N ALA B 69 5.23 7.25 -13.10
CA ALA B 69 5.29 7.00 -14.55
C ALA B 69 6.52 6.15 -14.89
N ASN B 70 7.61 6.20 -14.10
CA ASN B 70 8.79 5.38 -14.33
C ASN B 70 8.71 4.05 -13.58
N ILE B 71 7.50 3.59 -13.23
CA ILE B 71 7.35 2.37 -12.46
C ILE B 71 7.78 1.18 -13.31
N ASN B 72 8.38 0.20 -12.67
CA ASN B 72 8.79 -1.00 -13.39
C ASN B 72 7.58 -1.88 -13.66
N PRO B 73 7.50 -2.50 -14.84
CA PRO B 73 6.29 -3.23 -15.19
C PRO B 73 6.03 -4.43 -14.30
N ASP B 74 7.05 -5.22 -13.98
CA ASP B 74 6.86 -6.36 -13.10
C ASP B 74 6.27 -5.92 -11.76
N LEU B 75 6.77 -4.82 -11.21
CA LEU B 75 6.17 -4.25 -10.02
C LEU B 75 4.76 -3.72 -10.26
N LEU B 76 4.51 -3.14 -11.44
CA LEU B 76 3.18 -2.65 -11.76
C LEU B 76 2.14 -3.76 -11.74
N LEU B 77 2.55 -4.97 -12.12
CA LEU B 77 1.63 -6.10 -12.00
C LEU B 77 1.57 -6.60 -10.55
N ALA B 78 2.74 -6.76 -9.93
CA ALA B 78 2.79 -7.44 -8.64
C ALA B 78 2.03 -6.68 -7.56
N VAL B 79 2.08 -5.35 -7.60
CA VAL B 79 1.44 -4.58 -6.53
C VAL B 79 -0.07 -4.62 -6.68
N PHE B 80 -0.57 -4.58 -7.91
CA PHE B 80 -1.98 -4.33 -8.16
C PHE B 80 -2.78 -5.60 -8.46
N LEU B 81 -2.34 -6.41 -9.43
CA LEU B 81 -3.16 -7.53 -9.87
C LEU B 81 -3.61 -8.44 -8.74
N PRO B 82 -2.77 -8.85 -7.77
CA PRO B 82 -3.27 -9.68 -6.67
C PRO B 82 -4.42 -9.05 -5.89
N ALA B 83 -4.71 -7.77 -6.09
CA ALA B 83 -5.84 -7.14 -5.42
C ALA B 83 -6.95 -6.87 -6.41
N LEU B 84 -6.79 -7.26 -7.67
CA LEU B 84 -7.82 -7.19 -8.69
C LEU B 84 -8.37 -8.55 -9.09
N LEU B 85 -7.49 -9.45 -9.53
CA LEU B 85 -7.91 -10.79 -9.88
C LEU B 85 -8.53 -11.55 -8.73
N PHE B 86 -8.06 -11.34 -7.51
CA PHE B 86 -8.66 -12.04 -6.38
C PHE B 86 -10.07 -11.52 -6.12
N GLU B 87 -10.26 -10.21 -6.16
CA GLU B 87 -11.60 -9.67 -5.97
C GLU B 87 -12.57 -10.22 -7.01
N SER B 88 -12.14 -10.30 -8.27
CA SER B 88 -12.99 -10.85 -9.31
C SER B 88 -13.29 -12.32 -9.04
N SER B 89 -12.24 -13.13 -8.85
CA SER B 89 -12.42 -14.57 -8.67
C SER B 89 -13.16 -14.90 -7.38
N PHE B 90 -13.27 -13.95 -6.45
CA PHE B 90 -13.95 -14.18 -5.19
C PHE B 90 -15.38 -13.68 -5.19
N SER B 91 -15.68 -12.59 -5.89
CA SER B 91 -17.04 -12.09 -5.94
C SER B 91 -17.99 -12.86 -6.83
N MET B 92 -17.48 -13.85 -7.58
CA MET B 92 -18.33 -14.66 -8.51
C MET B 92 -19.05 -15.69 -7.64
N GLU B 93 -19.95 -16.47 -8.23
CA GLU B 93 -20.72 -17.48 -7.46
C GLU B 93 -20.52 -18.88 -8.04
N ILE B 94 -20.62 -19.93 -7.23
CA ILE B 94 -20.47 -21.32 -7.72
C ILE B 94 -21.56 -21.73 -8.73
N HIS B 95 -22.80 -21.28 -8.52
CA HIS B 95 -23.94 -21.61 -9.41
C HIS B 95 -23.56 -21.53 -10.89
N GLN B 96 -22.99 -20.41 -11.33
CA GLN B 96 -22.73 -20.20 -12.76
C GLN B 96 -21.37 -20.74 -13.18
N ILE B 97 -20.34 -20.58 -12.35
CA ILE B 97 -18.98 -20.93 -12.74
C ILE B 97 -18.86 -22.38 -13.17
N LYS B 98 -19.56 -23.29 -12.50
CA LYS B 98 -19.45 -24.70 -12.81
C LYS B 98 -20.14 -25.08 -14.12
N LYS B 99 -20.94 -24.18 -14.69
CA LYS B 99 -21.56 -24.42 -15.98
C LYS B 99 -21.02 -23.55 -17.10
N CYS B 100 -20.28 -22.48 -16.77
CA CYS B 100 -19.65 -21.64 -17.77
C CYS B 100 -18.17 -21.95 -17.96
N MET B 101 -17.56 -22.69 -17.04
CA MET B 101 -16.13 -22.95 -17.11
C MET B 101 -15.73 -23.51 -18.47
N ALA B 102 -16.56 -24.42 -18.98
CA ALA B 102 -16.28 -25.01 -20.31
C ALA B 102 -16.13 -23.90 -21.34
N GLN B 103 -17.08 -22.97 -21.38
CA GLN B 103 -17.05 -21.89 -22.42
C GLN B 103 -15.84 -20.97 -22.26
N MET B 104 -15.46 -20.57 -21.03
CA MET B 104 -14.37 -19.56 -20.89
C MET B 104 -13.00 -20.17 -21.20
N VAL B 105 -12.72 -21.39 -20.72
CA VAL B 105 -11.42 -22.06 -20.97
C VAL B 105 -11.30 -22.32 -22.48
N LEU B 106 -12.42 -22.63 -23.13
CA LEU B 106 -12.48 -22.89 -24.59
C LEU B 106 -12.32 -21.55 -25.31
N LEU B 107 -12.54 -20.42 -24.63
CA LEU B 107 -12.50 -19.12 -25.29
C LEU B 107 -11.23 -18.36 -24.95
N ALA B 108 -10.52 -18.74 -23.89
CA ALA B 108 -9.37 -17.97 -23.42
C ALA B 108 -8.03 -18.66 -23.63
N GLY B 109 -8.01 -19.91 -24.10
CA GLY B 109 -6.77 -20.49 -24.56
C GLY B 109 -6.71 -20.65 -26.07
N PRO B 110 -7.75 -21.24 -26.66
CA PRO B 110 -7.79 -21.26 -28.12
C PRO B 110 -8.04 -19.89 -28.71
N GLY B 111 -8.92 -19.11 -28.10
CA GLY B 111 -9.17 -17.75 -28.57
C GLY B 111 -7.88 -16.96 -28.71
N VAL B 112 -7.12 -16.86 -27.62
CA VAL B 112 -5.86 -16.11 -27.68
C VAL B 112 -4.88 -16.68 -28.68
N LEU B 113 -4.85 -18.01 -28.85
CA LEU B 113 -3.98 -18.54 -29.90
C LEU B 113 -4.40 -18.06 -31.28
N ILE B 114 -5.71 -18.05 -31.52
CA ILE B 114 -6.21 -17.65 -32.83
C ILE B 114 -5.90 -16.18 -33.02
N SER B 115 -6.37 -15.34 -32.10
CA SER B 115 -6.16 -13.90 -32.19
C SER B 115 -4.70 -13.56 -32.36
N THR B 116 -3.85 -14.09 -31.48
CA THR B 116 -2.41 -13.84 -31.63
C THR B 116 -1.94 -14.19 -33.02
N PHE B 117 -2.30 -15.37 -33.52
CA PHE B 117 -1.89 -15.73 -34.87
C PHE B 117 -2.37 -14.68 -35.88
N PHE B 118 -3.65 -14.32 -35.81
CA PHE B 118 -4.22 -13.45 -36.83
C PHE B 118 -3.61 -12.06 -36.76
N LEU B 119 -3.79 -11.38 -35.64
CA LEU B 119 -3.31 -10.00 -35.48
C LEU B 119 -1.81 -9.91 -35.76
N GLY B 120 -1.02 -10.81 -35.19
CA GLY B 120 0.41 -10.80 -35.48
C GLY B 120 0.68 -10.83 -36.97
N SER B 121 0.04 -11.77 -37.68
CA SER B 121 0.23 -11.83 -39.12
C SER B 121 -0.21 -10.52 -39.77
N ALA B 122 -1.40 -10.05 -39.40
CA ALA B 122 -1.97 -8.85 -40.02
C ALA B 122 -0.98 -7.68 -39.97
N LEU B 123 -0.52 -7.31 -38.77
CA LEU B 123 0.37 -6.12 -38.71
C LEU B 123 1.65 -6.37 -39.51
N LYS B 124 2.24 -7.55 -39.41
CA LYS B 124 3.52 -7.80 -40.12
C LYS B 124 3.33 -7.65 -41.61
N LEU B 125 2.10 -7.76 -42.11
CA LEU B 125 1.90 -7.79 -43.55
C LEU B 125 1.66 -6.36 -44.01
N THR B 126 1.03 -5.53 -43.18
CA THR B 126 0.56 -4.22 -43.60
C THR B 126 1.20 -3.09 -42.79
N PHE B 127 2.40 -3.34 -42.27
CA PHE B 127 3.10 -2.29 -41.51
C PHE B 127 4.53 -2.16 -42.02
N PRO B 128 4.89 -1.00 -42.58
CA PRO B 128 6.18 -0.88 -43.27
C PRO B 128 7.38 -0.70 -42.37
N TYR B 129 7.24 -0.91 -41.07
CA TYR B 129 8.34 -0.67 -40.15
C TYR B 129 9.40 -1.76 -40.16
N ASN B 130 9.35 -2.67 -41.12
CA ASN B 130 10.34 -3.74 -41.26
C ASN B 130 10.33 -4.66 -40.03
N TRP B 131 9.14 -4.91 -39.49
CA TRP B 131 9.03 -5.85 -38.40
C TRP B 131 9.14 -7.29 -38.92
N ASN B 132 9.50 -8.19 -38.02
CA ASN B 132 9.65 -9.60 -38.36
C ASN B 132 8.52 -10.40 -37.74
N TRP B 133 8.49 -11.70 -38.03
CA TRP B 133 7.38 -12.53 -37.62
C TRP B 133 7.32 -12.69 -36.11
N LYS B 134 8.48 -12.86 -35.47
CA LYS B 134 8.50 -13.06 -34.02
C LYS B 134 8.04 -11.80 -33.28
N THR B 135 8.53 -10.63 -33.70
CA THR B 135 8.13 -9.39 -33.06
C THR B 135 6.65 -9.11 -33.28
N SER B 136 6.16 -9.36 -34.49
CA SER B 136 4.76 -9.12 -34.78
C SER B 136 3.87 -10.04 -33.97
N LEU B 137 4.23 -11.32 -33.87
CA LEU B 137 3.48 -12.22 -33.01
C LEU B 137 3.65 -11.79 -31.56
N LEU B 138 4.78 -11.18 -31.21
CA LEU B 138 4.94 -10.64 -29.88
C LEU B 138 3.89 -9.58 -29.59
N LEU B 139 3.75 -8.60 -30.50
CA LEU B 139 2.69 -7.61 -30.34
C LEU B 139 1.29 -8.20 -30.36
N GLY B 140 1.09 -9.26 -31.14
CA GLY B 140 -0.20 -9.94 -31.10
C GLY B 140 -0.51 -10.49 -29.73
N GLY B 141 0.48 -11.13 -29.10
CA GLY B 141 0.28 -11.62 -27.74
C GLY B 141 0.02 -10.50 -26.76
N LEU B 142 0.66 -9.35 -26.97
CA LEU B 142 0.41 -8.17 -26.17
C LEU B 142 -1.06 -7.75 -26.25
N LEU B 143 -1.53 -7.51 -27.48
CA LEU B 143 -2.86 -6.97 -27.71
C LEU B 143 -3.97 -7.99 -27.55
N SER B 144 -3.69 -9.16 -26.96
CA SER B 144 -4.67 -10.23 -26.89
C SER B 144 -5.29 -10.39 -25.50
N ALA B 145 -5.00 -9.48 -24.58
CA ALA B 145 -5.61 -9.51 -23.26
C ALA B 145 -6.89 -8.68 -23.21
N THR B 146 -7.78 -9.02 -22.28
CA THR B 146 -9.05 -8.34 -22.13
C THR B 146 -9.35 -8.12 -20.66
N ASP B 147 -9.87 -6.95 -20.31
CA ASP B 147 -10.38 -6.65 -18.98
C ASP B 147 -11.47 -5.60 -19.13
N PRO B 148 -12.69 -6.02 -19.48
CA PRO B 148 -13.81 -5.08 -19.61
C PRO B 148 -14.46 -4.88 -18.26
N VAL B 149 -13.89 -3.96 -17.47
CA VAL B 149 -14.46 -3.69 -16.14
C VAL B 149 -15.77 -2.92 -16.29
N ALA B 150 -15.79 -1.92 -17.18
CA ALA B 150 -17.01 -1.16 -17.40
C ALA B 150 -18.15 -2.05 -17.89
N VAL B 151 -17.82 -3.07 -18.68
CA VAL B 151 -18.86 -3.91 -19.26
C VAL B 151 -19.51 -4.78 -18.20
N VAL B 152 -18.72 -5.37 -17.31
CA VAL B 152 -19.32 -6.15 -16.23
C VAL B 152 -20.08 -5.23 -15.28
N ALA B 153 -19.55 -4.01 -15.04
CA ALA B 153 -20.29 -3.05 -14.25
C ALA B 153 -21.68 -2.76 -14.80
N LEU B 154 -21.79 -2.57 -16.12
CA LEU B 154 -23.10 -2.37 -16.73
C LEU B 154 -23.97 -3.62 -16.62
N LEU B 155 -23.39 -4.78 -16.94
CA LEU B 155 -24.17 -6.01 -16.97
C LEU B 155 -24.66 -6.37 -15.57
N LYS B 156 -24.11 -5.76 -14.52
CA LYS B 156 -24.73 -5.85 -13.21
C LYS B 156 -25.62 -4.66 -12.88
N GLU B 157 -25.38 -3.50 -13.50
CA GLU B 157 -26.22 -2.34 -13.23
C GLU B 157 -27.59 -2.48 -13.88
N LEU B 158 -27.63 -2.86 -15.16
CA LEU B 158 -28.90 -3.10 -15.84
C LEU B 158 -29.46 -4.49 -15.58
N GLY B 159 -28.77 -5.32 -14.81
CA GLY B 159 -29.31 -6.60 -14.38
C GLY B 159 -29.67 -7.56 -15.50
N ALA B 160 -28.71 -7.86 -16.38
CA ALA B 160 -28.94 -8.85 -17.42
C ALA B 160 -28.75 -10.25 -16.89
N SER B 161 -28.74 -11.24 -17.77
CA SER B 161 -28.56 -12.62 -17.35
C SER B 161 -27.15 -12.82 -16.80
N LYS B 162 -27.06 -13.63 -15.73
CA LYS B 162 -25.77 -13.80 -15.06
C LYS B 162 -24.80 -14.62 -15.90
N LYS B 163 -25.32 -15.47 -16.80
CA LYS B 163 -24.44 -16.30 -17.61
C LYS B 163 -23.47 -15.46 -18.43
N LEU B 164 -24.00 -14.43 -19.10
CA LEU B 164 -23.15 -13.55 -19.89
C LEU B 164 -22.08 -12.90 -19.02
N SER B 165 -22.47 -12.41 -17.85
CA SER B 165 -21.53 -11.72 -16.98
C SER B 165 -20.41 -12.66 -16.52
N THR B 166 -20.78 -13.88 -16.12
CA THR B 166 -19.78 -14.84 -15.67
C THR B 166 -18.82 -15.20 -16.80
N ILE B 167 -19.37 -15.47 -17.99
CA ILE B 167 -18.50 -15.79 -19.12
C ILE B 167 -17.55 -14.64 -19.39
N ILE B 168 -18.06 -13.41 -19.40
CA ILE B 168 -17.25 -12.28 -19.81
C ILE B 168 -16.25 -11.82 -18.75
N GLU B 169 -16.42 -12.27 -17.50
CA GLU B 169 -15.40 -12.06 -16.48
C GLU B 169 -14.30 -13.11 -16.57
N GLY B 170 -14.70 -14.39 -16.56
CA GLY B 170 -13.71 -15.45 -16.55
C GLY B 170 -12.91 -15.46 -17.84
N GLU B 171 -13.54 -15.11 -18.96
CA GLU B 171 -12.79 -14.99 -20.20
C GLU B 171 -11.71 -13.93 -20.06
N SER B 172 -12.03 -12.79 -19.43
CA SER B 172 -11.03 -11.77 -19.21
C SER B 172 -9.90 -12.26 -18.31
N LEU B 173 -10.25 -12.98 -17.24
CA LEU B 173 -9.23 -13.46 -16.31
C LEU B 173 -8.26 -14.43 -17.00
N MET B 174 -8.79 -15.53 -17.53
CA MET B 174 -7.97 -16.56 -18.20
C MET B 174 -7.37 -15.96 -19.46
N ASN B 175 -7.88 -14.87 -20.03
CA ASN B 175 -7.22 -14.19 -21.18
C ASN B 175 -5.97 -13.47 -20.68
N ASP B 176 -6.07 -12.79 -19.54
CA ASP B 176 -4.89 -12.08 -18.97
C ASP B 176 -3.83 -13.14 -18.75
N GLY B 177 -4.20 -14.25 -18.13
CA GLY B 177 -3.25 -15.32 -17.85
C GLY B 177 -2.56 -15.83 -19.10
N THR B 178 -3.35 -16.37 -20.05
CA THR B 178 -2.75 -16.97 -21.22
C THR B 178 -2.09 -15.93 -22.11
N ALA B 179 -2.52 -14.67 -22.05
CA ALA B 179 -1.84 -13.62 -22.80
C ALA B 179 -0.44 -13.41 -22.27
N ILE B 180 -0.29 -13.32 -20.94
CA ILE B 180 1.04 -13.21 -20.37
C ILE B 180 1.89 -14.42 -20.74
N VAL B 181 1.27 -15.61 -20.78
CA VAL B 181 2.02 -16.81 -21.11
C VAL B 181 2.55 -16.75 -22.53
N VAL B 182 1.69 -16.42 -23.49
CA VAL B 182 2.14 -16.33 -24.88
C VAL B 182 3.16 -15.22 -25.04
N TYR B 183 3.00 -14.11 -24.31
CA TYR B 183 3.99 -13.06 -24.41
C TYR B 183 5.35 -13.55 -23.94
N GLN B 184 5.38 -14.25 -22.80
CA GLN B 184 6.66 -14.75 -22.29
C GLN B 184 7.29 -15.70 -23.29
N LEU B 185 6.49 -16.57 -23.91
CA LEU B 185 7.03 -17.47 -24.92
C LEU B 185 7.67 -16.69 -26.06
N PHE B 186 6.92 -15.74 -26.63
CA PHE B 186 7.47 -14.99 -27.76
C PHE B 186 8.64 -14.11 -27.35
N TYR B 187 8.72 -13.75 -26.06
CA TYR B 187 9.85 -12.97 -25.58
C TYR B 187 11.10 -13.82 -25.51
N ARG B 188 10.99 -15.03 -24.96
CA ARG B 188 12.11 -15.97 -25.02
C ARG B 188 12.51 -16.22 -26.47
N MET B 189 11.55 -16.23 -27.38
CA MET B 189 11.86 -16.39 -28.79
C MET B 189 12.67 -15.20 -29.32
N VAL B 190 12.23 -13.99 -29.00
CA VAL B 190 12.90 -12.79 -29.52
C VAL B 190 14.32 -12.70 -28.97
N LEU B 191 14.52 -13.07 -27.71
CA LEU B 191 15.82 -12.99 -27.08
C LEU B 191 16.85 -13.85 -27.83
N GLY B 192 16.44 -15.04 -28.25
CA GLY B 192 17.33 -15.90 -29.00
C GLY B 192 17.18 -17.37 -28.66
N ARG B 193 16.40 -17.68 -27.63
CA ARG B 193 16.19 -19.05 -27.23
C ARG B 193 15.41 -19.81 -28.31
N THR B 194 15.96 -20.94 -28.74
CA THR B 194 15.37 -21.74 -29.80
C THR B 194 14.41 -22.76 -29.18
N PHE B 195 13.30 -23.02 -29.86
CA PHE B 195 12.26 -23.91 -29.35
C PHE B 195 11.92 -24.95 -30.40
N ASP B 196 11.68 -26.19 -29.96
CA ASP B 196 11.11 -27.22 -30.80
C ASP B 196 9.67 -27.50 -30.33
N ALA B 197 9.01 -28.45 -30.99
CA ALA B 197 7.63 -28.76 -30.65
C ALA B 197 7.52 -29.27 -29.23
N GLY B 198 8.40 -30.19 -28.83
CA GLY B 198 8.36 -30.70 -27.48
C GLY B 198 8.64 -29.65 -26.43
N SER B 199 9.63 -28.78 -26.70
CA SER B 199 9.96 -27.72 -25.75
C SER B 199 8.77 -26.79 -25.54
N ILE B 200 8.09 -26.43 -26.62
CA ILE B 200 6.95 -25.51 -26.52
C ILE B 200 5.79 -26.20 -25.80
N ILE B 201 5.51 -27.45 -26.16
CA ILE B 201 4.41 -28.17 -25.52
C ILE B 201 4.70 -28.54 -24.08
N LYS B 202 5.96 -28.46 -23.65
CA LYS B 202 6.31 -28.59 -22.25
C LYS B 202 6.20 -27.25 -21.52
N PHE B 203 6.73 -26.18 -22.11
CA PHE B 203 6.63 -24.85 -21.52
C PHE B 203 5.20 -24.46 -21.20
N LEU B 204 4.34 -24.46 -22.22
CA LEU B 204 2.95 -24.06 -22.01
C LEU B 204 2.24 -24.96 -21.00
N SER B 205 2.45 -26.28 -21.13
CA SER B 205 1.76 -27.22 -20.25
C SER B 205 2.17 -26.93 -18.82
N GLU B 206 3.47 -26.88 -18.53
CA GLU B 206 3.88 -26.63 -17.15
C GLU B 206 3.41 -25.27 -16.68
N VAL B 207 3.73 -24.19 -17.42
CA VAL B 207 3.43 -22.85 -16.95
C VAL B 207 1.93 -22.62 -16.82
N SER B 208 1.09 -23.41 -17.47
CA SER B 208 -0.34 -23.23 -17.23
C SER B 208 -0.84 -24.17 -16.14
N LEU B 209 -0.72 -25.48 -16.36
CA LEU B 209 -1.39 -26.40 -15.45
C LEU B 209 -0.69 -26.54 -14.10
N GLY B 210 0.64 -26.44 -14.06
CA GLY B 210 1.41 -26.47 -12.80
C GLY B 210 1.15 -25.26 -11.94
N ALA B 211 1.00 -24.07 -12.53
CA ALA B 211 0.64 -22.83 -11.80
C ALA B 211 -0.77 -22.98 -11.23
N VAL B 212 -1.66 -23.62 -11.98
CA VAL B 212 -3.06 -23.84 -11.53
C VAL B 212 -3.02 -24.63 -10.22
N ALA B 213 -2.08 -25.57 -10.02
CA ALA B 213 -2.07 -26.38 -8.80
C ALA B 213 -1.70 -25.57 -7.56
N LEU B 214 -0.80 -24.59 -7.72
CA LEU B 214 -0.41 -23.76 -6.58
C LEU B 214 -1.61 -23.05 -6.00
N GLY B 215 -2.56 -22.65 -6.85
CA GLY B 215 -3.75 -22.02 -6.38
C GLY B 215 -4.45 -22.79 -5.29
N LEU B 216 -4.77 -24.06 -5.58
CA LEU B 216 -5.53 -24.84 -4.60
C LEU B 216 -4.65 -25.35 -3.46
N ALA B 217 -3.34 -25.45 -3.70
CA ALA B 217 -2.45 -25.81 -2.60
C ALA B 217 -2.57 -24.71 -1.55
N PHE B 218 -2.35 -23.46 -1.96
CA PHE B 218 -2.49 -22.35 -1.03
C PHE B 218 -3.92 -22.25 -0.52
N GLY B 219 -4.90 -22.58 -1.35
CA GLY B 219 -6.29 -22.50 -0.92
C GLY B 219 -6.62 -23.45 0.20
N ILE B 220 -6.30 -24.73 0.02
CA ILE B 220 -6.59 -25.71 1.07
C ILE B 220 -5.78 -25.42 2.32
N ALA B 221 -4.51 -25.03 2.17
CA ALA B 221 -3.71 -24.72 3.35
C ALA B 221 -4.33 -23.57 4.14
N SER B 222 -4.66 -22.49 3.46
CA SER B 222 -5.21 -21.29 4.13
C SER B 222 -6.63 -21.55 4.58
N VAL B 223 -7.38 -22.50 4.00
CA VAL B 223 -8.77 -22.87 4.44
C VAL B 223 -8.65 -23.65 5.76
N LEU B 224 -7.69 -24.57 5.90
CA LEU B 224 -7.43 -25.25 7.17
C LEU B 224 -7.02 -24.25 8.24
N TRP B 225 -6.10 -23.34 7.90
CA TRP B 225 -5.66 -22.34 8.87
C TRP B 225 -6.73 -21.31 9.21
N LEU B 226 -7.76 -21.16 8.38
CA LEU B 226 -8.93 -20.38 8.71
C LEU B 226 -9.88 -21.16 9.61
N GLY B 227 -9.80 -22.48 9.56
CA GLY B 227 -10.63 -23.32 10.40
C GLY B 227 -10.08 -23.45 11.81
N PHE B 228 -8.75 -23.43 11.95
CA PHE B 228 -8.17 -23.51 13.29
C PHE B 228 -8.52 -22.27 14.12
N ILE B 229 -8.48 -21.09 13.51
CA ILE B 229 -8.76 -19.86 14.25
C ILE B 229 -10.23 -19.83 14.65
N PHE B 230 -10.48 -19.46 15.91
CA PHE B 230 -11.83 -19.38 16.44
C PHE B 230 -12.15 -17.94 16.80
N ASN B 231 -13.45 -17.61 16.74
CA ASN B 231 -14.03 -16.35 17.16
C ASN B 231 -13.17 -15.14 16.82
N ASP B 232 -12.92 -14.90 15.53
CA ASP B 232 -12.13 -13.75 15.12
C ASP B 232 -12.50 -13.41 13.69
N THR B 233 -12.37 -12.13 13.30
CA THR B 233 -12.59 -11.67 11.90
C THR B 233 -11.38 -10.93 11.31
N ILE B 234 -10.81 -9.93 11.99
CA ILE B 234 -9.64 -9.13 11.49
C ILE B 234 -8.49 -10.03 11.03
N ILE B 235 -8.06 -11.04 11.78
CA ILE B 235 -6.89 -11.87 11.37
C ILE B 235 -7.33 -12.72 10.18
N GLU B 236 -8.53 -13.29 10.21
CA GLU B 236 -8.95 -14.19 9.11
C GLU B 236 -8.86 -13.44 7.77
N ILE B 237 -9.29 -12.18 7.73
CA ILE B 237 -9.30 -11.38 6.49
C ILE B 237 -7.89 -10.99 6.10
N ALA B 238 -7.10 -10.51 7.07
CA ALA B 238 -5.71 -10.20 6.75
C ALA B 238 -4.96 -11.44 6.28
N LEU B 239 -5.33 -12.61 6.79
CA LEU B 239 -4.71 -13.84 6.32
C LEU B 239 -4.99 -14.07 4.84
N THR B 240 -6.25 -13.95 4.44
CA THR B 240 -6.58 -14.14 3.03
C THR B 240 -5.84 -13.14 2.15
N LEU B 241 -5.77 -11.89 2.59
CA LEU B 241 -5.06 -10.87 1.82
C LEU B 241 -3.59 -11.24 1.65
N ALA B 242 -2.94 -11.59 2.75
CA ALA B 242 -1.53 -11.95 2.68
C ALA B 242 -1.30 -13.17 1.81
N VAL B 243 -2.23 -14.13 1.85
CA VAL B 243 -2.08 -15.34 1.05
C VAL B 243 -2.21 -15.03 -0.43
N SER B 244 -3.18 -14.20 -0.80
CA SER B 244 -3.28 -13.77 -2.19
C SER B 244 -2.01 -13.07 -2.63
N TYR B 245 -1.46 -12.21 -1.77
CA TYR B 245 -0.28 -11.47 -2.18
C TYR B 245 0.99 -12.31 -2.18
N ILE B 246 1.02 -13.43 -1.46
CA ILE B 246 2.20 -14.28 -1.49
C ILE B 246 2.12 -15.31 -2.60
N ALA B 247 0.91 -15.70 -3.02
CA ALA B 247 0.80 -16.68 -4.11
C ALA B 247 1.32 -16.11 -5.41
N PHE B 248 1.07 -14.82 -5.67
CA PHE B 248 1.55 -14.21 -6.89
C PHE B 248 3.07 -14.30 -6.98
N PHE B 249 3.75 -14.00 -5.89
CA PHE B 249 5.21 -14.07 -5.92
C PHE B 249 5.69 -15.51 -6.00
N THR B 250 5.03 -16.42 -5.28
CA THR B 250 5.40 -17.84 -5.36
C THR B 250 5.21 -18.40 -6.76
N ALA B 251 4.32 -17.82 -7.55
CA ALA B 251 4.12 -18.30 -8.91
C ALA B 251 5.06 -17.59 -9.89
N GLN B 252 5.03 -16.26 -9.94
CA GLN B 252 5.77 -15.52 -10.99
C GLN B 252 7.28 -15.58 -10.81
N ASP B 253 7.82 -15.68 -9.57
CA ASP B 253 9.26 -15.63 -9.36
C ASP B 253 9.88 -16.85 -8.69
N ALA B 254 9.08 -17.63 -7.98
CA ALA B 254 9.70 -18.78 -7.30
C ALA B 254 9.64 -20.01 -8.22
N LEU B 255 8.49 -20.28 -8.84
CA LEU B 255 8.34 -21.54 -9.62
C LEU B 255 8.35 -21.31 -11.14
N GLU B 256 8.63 -20.09 -11.61
CA GLU B 256 8.72 -19.79 -13.08
C GLU B 256 7.40 -20.16 -13.79
N VAL B 257 6.26 -19.90 -13.14
CA VAL B 257 4.94 -20.14 -13.70
C VAL B 257 4.05 -18.89 -13.66
N SER B 258 2.90 -18.99 -14.32
CA SER B 258 2.00 -17.84 -14.41
C SER B 258 1.36 -17.55 -13.07
N GLY B 259 1.25 -16.26 -12.74
CA GLY B 259 0.70 -15.86 -11.46
C GLY B 259 -0.78 -15.57 -11.51
N VAL B 260 -1.28 -15.23 -12.69
CA VAL B 260 -2.69 -14.86 -12.84
C VAL B 260 -3.60 -16.07 -12.63
N LEU B 261 -3.27 -17.21 -13.23
CA LEU B 261 -4.07 -18.41 -12.99
C LEU B 261 -3.96 -18.87 -11.55
N THR B 262 -2.79 -18.67 -10.90
CA THR B 262 -2.58 -19.05 -9.48
C THR B 262 -3.51 -18.23 -8.60
N VAL B 263 -3.50 -16.90 -8.69
CA VAL B 263 -4.35 -16.02 -7.83
C VAL B 263 -5.80 -16.22 -8.28
N MET B 264 -6.07 -16.68 -9.50
CA MET B 264 -7.46 -16.92 -10.02
C MET B 264 -8.02 -18.22 -9.42
N THR B 265 -7.24 -19.29 -9.32
CA THR B 265 -7.66 -20.59 -8.76
C THR B 265 -7.80 -20.41 -7.24
N LEU B 266 -7.04 -19.49 -6.62
CA LEU B 266 -7.11 -19.18 -5.17
C LEU B 266 -8.41 -18.39 -4.89
N GLY B 267 -8.85 -17.47 -5.77
CA GLY B 267 -10.08 -16.74 -5.53
C GLY B 267 -11.37 -17.52 -5.71
N MET B 268 -11.42 -18.39 -6.71
CA MET B 268 -12.63 -19.21 -6.88
C MET B 268 -12.73 -20.33 -5.85
N PHE B 269 -11.58 -20.82 -5.37
CA PHE B 269 -11.60 -21.83 -4.31
C PHE B 269 -12.20 -21.17 -3.09
N TYR B 270 -11.83 -19.92 -2.83
CA TYR B 270 -12.47 -19.20 -1.71
C TYR B 270 -13.94 -18.94 -2.00
N ALA B 271 -14.28 -18.63 -3.24
CA ALA B 271 -15.69 -18.45 -3.59
C ALA B 271 -16.45 -19.75 -3.40
N ALA B 272 -15.76 -20.88 -3.49
CA ALA B 272 -16.43 -22.17 -3.30
C ALA B 272 -16.59 -22.51 -1.82
N PHE B 273 -15.56 -22.28 -1.02
CA PHE B 273 -15.55 -22.67 0.39
C PHE B 273 -15.58 -21.47 1.33
N ALA B 274 -16.30 -20.41 0.96
CA ALA B 274 -16.44 -19.29 1.86
C ALA B 274 -17.28 -19.63 3.08
N LYS B 275 -18.30 -20.47 2.91
CA LYS B 275 -19.27 -20.68 3.98
C LYS B 275 -18.64 -21.45 5.14
N THR B 276 -17.80 -22.44 4.84
CA THR B 276 -17.18 -23.22 5.91
C THR B 276 -16.21 -22.37 6.72
N ALA B 277 -15.52 -21.43 6.08
CA ALA B 277 -14.46 -20.68 6.81
C ALA B 277 -15.00 -19.42 7.47
N PHE B 278 -16.04 -18.82 6.91
CA PHE B 278 -16.56 -17.54 7.45
C PHE B 278 -18.06 -17.73 7.66
N LYS B 279 -18.57 -17.35 8.83
CA LYS B 279 -20.01 -17.54 9.13
C LYS B 279 -20.54 -16.30 9.85
N GLY B 280 -21.82 -15.98 9.67
CA GLY B 280 -22.42 -14.81 10.34
C GLY B 280 -21.96 -13.50 9.74
N ASP B 281 -21.71 -12.48 10.58
CA ASP B 281 -21.26 -11.14 10.10
C ASP B 281 -19.88 -11.24 9.46
N SER B 282 -19.06 -12.20 9.86
CA SER B 282 -17.66 -12.30 9.34
C SER B 282 -17.70 -12.45 7.82
N GLN B 283 -18.64 -13.22 7.29
CA GLN B 283 -18.78 -13.33 5.81
C GLN B 283 -19.13 -11.96 5.22
N GLN B 284 -20.06 -11.22 5.84
CA GLN B 284 -20.50 -9.93 5.27
C GLN B 284 -19.34 -8.92 5.26
N SER B 285 -18.58 -8.82 6.35
CA SER B 285 -17.45 -7.86 6.43
C SER B 285 -16.37 -8.26 5.44
N LEU B 286 -16.12 -9.55 5.29
CA LEU B 286 -15.07 -10.04 4.34
C LEU B 286 -15.33 -9.37 2.99
N HIS B 287 -16.59 -9.29 2.58
CA HIS B 287 -16.89 -8.75 1.28
C HIS B 287 -16.65 -7.25 1.23
N HIS B 288 -17.10 -6.52 2.26
CA HIS B 288 -16.95 -5.07 2.22
C HIS B 288 -15.49 -4.67 2.15
N PHE B 289 -14.64 -5.28 2.99
CA PHE B 289 -13.23 -4.93 2.92
C PHE B 289 -12.66 -5.20 1.55
N TRP B 290 -12.99 -6.36 0.98
CA TRP B 290 -12.42 -6.66 -0.32
C TRP B 290 -12.92 -5.68 -1.36
N GLU B 291 -14.17 -5.25 -1.24
CA GLU B 291 -14.68 -4.23 -2.14
C GLU B 291 -13.84 -2.97 -2.19
N MET B 292 -13.50 -2.42 -1.02
CA MET B 292 -12.60 -1.27 -0.98
C MET B 292 -11.25 -1.54 -1.63
N VAL B 293 -10.67 -2.70 -1.33
CA VAL B 293 -9.34 -2.98 -1.85
C VAL B 293 -9.50 -2.98 -3.36
N ALA B 294 -10.60 -3.52 -3.85
CA ALA B 294 -10.86 -3.50 -5.28
C ALA B 294 -10.96 -2.07 -5.77
N TYR B 295 -11.82 -1.28 -5.13
CA TYR B 295 -12.11 0.06 -5.62
C TYR B 295 -10.84 0.90 -5.68
N ILE B 296 -10.17 1.03 -4.54
CA ILE B 296 -8.88 1.72 -4.49
C ILE B 296 -7.98 1.24 -5.62
N ALA B 297 -7.74 -0.08 -5.70
CA ALA B 297 -6.85 -0.67 -6.72
C ALA B 297 -7.35 -0.31 -8.11
N ASN B 298 -8.67 -0.22 -8.34
CA ASN B 298 -9.30 0.17 -9.63
C ASN B 298 -9.06 1.66 -9.93
N THR B 299 -9.16 2.54 -8.95
CA THR B 299 -8.96 4.00 -9.15
C THR B 299 -7.50 4.26 -9.53
N LEU B 300 -6.55 3.66 -8.82
CA LEU B 300 -5.11 3.92 -9.00
C LEU B 300 -4.66 3.29 -10.31
N ILE B 301 -5.15 2.10 -10.63
CA ILE B 301 -4.65 1.42 -11.86
C ILE B 301 -5.01 2.30 -13.07
N PHE B 302 -6.25 2.78 -13.16
CA PHE B 302 -6.67 3.53 -14.37
C PHE B 302 -5.97 4.90 -14.47
N ILE B 303 -5.84 5.64 -13.37
CA ILE B 303 -5.22 7.00 -13.46
C ILE B 303 -3.76 6.80 -13.85
N LEU B 304 -3.03 5.96 -13.11
CA LEU B 304 -1.66 5.64 -13.48
C LEU B 304 -1.56 5.21 -14.93
N SER B 305 -2.46 4.34 -15.39
CA SER B 305 -2.42 3.91 -16.78
C SER B 305 -2.43 5.10 -17.71
N GLY B 306 -3.41 5.99 -17.53
CA GLY B 306 -3.46 7.19 -18.35
C GLY B 306 -2.16 7.97 -18.32
N VAL B 307 -1.63 8.19 -17.12
CA VAL B 307 -0.38 8.92 -17.02
C VAL B 307 0.67 8.26 -17.89
N VAL B 308 0.82 6.94 -17.75
CA VAL B 308 1.83 6.21 -18.49
C VAL B 308 1.68 6.45 -19.97
N ILE B 309 0.44 6.33 -20.48
CA ILE B 309 0.26 6.40 -21.92
C ILE B 309 0.55 7.81 -22.41
N ALA B 310 0.21 8.82 -21.61
CA ALA B 310 0.54 10.19 -21.98
C ALA B 310 2.05 10.33 -22.09
N ASP B 311 2.77 9.79 -21.11
CA ASP B 311 4.22 9.75 -21.18
C ASP B 311 4.66 9.13 -22.50
N GLY B 312 4.09 7.98 -22.83
CA GLY B 312 4.55 7.28 -24.02
C GLY B 312 4.32 8.07 -25.28
N VAL B 313 3.32 8.95 -25.33
CA VAL B 313 3.18 9.76 -26.57
C VAL B 313 4.22 10.88 -26.57
N LEU B 314 4.37 11.63 -25.46
CA LEU B 314 5.17 12.89 -25.40
C LEU B 314 6.66 12.70 -25.06
N GLU B 315 7.08 11.58 -24.47
CA GLU B 315 8.49 11.41 -23.99
C GLU B 315 9.41 11.56 -25.19
N ASN B 316 9.02 11.03 -26.35
CA ASN B 316 9.79 11.11 -27.60
C ASN B 316 8.79 11.63 -28.64
N ASN B 317 8.28 12.85 -28.48
CA ASN B 317 7.26 13.43 -29.41
C ASN B 317 7.98 13.86 -30.68
N VAL B 318 9.18 14.40 -30.54
CA VAL B 318 9.98 14.83 -31.73
C VAL B 318 10.25 13.58 -32.57
N HIS B 319 10.62 12.46 -31.94
CA HIS B 319 10.98 11.20 -32.65
C HIS B 319 9.79 10.60 -33.39
N PHE B 320 8.60 10.52 -32.78
CA PHE B 320 7.41 9.83 -33.35
C PHE B 320 6.13 10.40 -32.73
N GLU B 321 4.96 10.05 -33.27
CA GLU B 321 3.64 10.54 -32.77
C GLU B 321 3.54 12.02 -33.18
N ARG B 322 4.20 12.44 -34.27
CA ARG B 322 4.02 13.80 -34.86
C ARG B 322 3.53 13.81 -36.33
N HIS B 323 4.21 13.08 -37.23
CA HIS B 323 3.80 12.93 -38.67
C HIS B 323 2.54 12.07 -38.61
N GLY B 324 1.53 12.39 -39.41
CA GLY B 324 0.25 11.67 -39.31
C GLY B 324 0.19 10.23 -39.76
N ALA B 325 1.25 9.76 -40.43
CA ALA B 325 1.19 8.38 -40.97
C ALA B 325 1.10 7.35 -39.84
N SER B 326 1.85 7.58 -38.76
CA SER B 326 1.80 6.64 -37.60
C SER B 326 0.38 6.62 -37.05
N TRP B 327 -0.26 7.79 -36.97
CA TRP B 327 -1.63 7.85 -36.39
C TRP B 327 -2.63 7.06 -37.25
N GLY B 328 -2.46 7.03 -38.58
CA GLY B 328 -3.35 6.24 -39.42
C GLY B 328 -3.15 4.75 -39.22
N PHE B 329 -1.90 4.31 -39.12
CA PHE B 329 -1.63 2.92 -38.79
C PHE B 329 -2.24 2.49 -37.47
N LEU B 330 -2.47 3.47 -36.57
CA LEU B 330 -3.02 3.20 -35.22
C LEU B 330 -4.52 2.89 -35.32
N LEU B 331 -5.26 3.52 -36.25
CA LEU B 331 -6.66 3.19 -36.51
C LEU B 331 -6.74 1.91 -37.32
N LEU B 332 -5.76 1.69 -38.22
CA LEU B 332 -5.71 0.41 -38.92
C LEU B 332 -5.58 -0.74 -37.95
N LEU B 333 -4.66 -0.62 -36.99
CA LEU B 333 -4.51 -1.66 -35.97
C LEU B 333 -5.77 -1.79 -35.13
N TYR B 334 -6.48 -0.69 -34.92
CA TYR B 334 -7.72 -0.74 -34.16
C TYR B 334 -8.77 -1.60 -34.88
N VAL B 335 -9.00 -1.31 -36.17
CA VAL B 335 -9.98 -2.09 -36.91
C VAL B 335 -9.50 -3.54 -37.04
N PHE B 336 -8.19 -3.75 -37.07
CA PHE B 336 -7.66 -5.11 -37.05
C PHE B 336 -8.02 -5.83 -35.75
N VAL B 337 -7.99 -5.09 -34.64
CA VAL B 337 -8.28 -5.69 -33.31
C VAL B 337 -9.69 -6.26 -33.19
N GLN B 338 -10.70 -5.48 -33.57
CA GLN B 338 -12.09 -5.99 -33.52
C GLN B 338 -12.38 -7.06 -34.60
N ILE B 339 -11.67 -6.97 -35.74
CA ILE B 339 -11.90 -7.92 -36.85
C ILE B 339 -11.47 -9.28 -36.26
N SER B 340 -10.32 -9.34 -35.57
CA SER B 340 -9.88 -10.60 -34.96
C SER B 340 -10.79 -11.08 -33.83
N ARG B 341 -11.35 -10.13 -33.08
CA ARG B 341 -12.30 -10.50 -32.04
C ARG B 341 -13.48 -11.16 -32.76
N ILE B 342 -13.98 -10.51 -33.82
CA ILE B 342 -15.08 -11.11 -34.58
C ILE B 342 -14.63 -12.45 -35.11
N LEU B 343 -13.40 -12.52 -35.61
CA LEU B 343 -12.88 -13.77 -36.17
C LEU B 343 -12.85 -14.87 -35.14
N VAL B 344 -12.34 -14.58 -33.94
CA VAL B 344 -12.29 -15.58 -32.89
C VAL B 344 -13.67 -16.11 -32.52
N VAL B 345 -14.65 -15.20 -32.36
CA VAL B 345 -15.95 -15.69 -31.91
C VAL B 345 -16.66 -16.46 -33.02
N VAL B 346 -16.44 -16.06 -34.28
CA VAL B 346 -17.05 -16.79 -35.39
C VAL B 346 -16.49 -18.21 -35.47
N ILE B 347 -15.17 -18.34 -35.27
CA ILE B 347 -14.58 -19.67 -35.33
C ILE B 347 -15.05 -20.53 -34.17
N LEU B 348 -15.18 -19.95 -32.98
CA LEU B 348 -15.53 -20.74 -31.81
C LEU B 348 -17.04 -20.84 -31.56
N TYR B 349 -17.86 -20.29 -32.46
CA TYR B 349 -19.31 -20.32 -32.23
C TYR B 349 -19.91 -21.71 -32.03
N PRO B 350 -19.62 -22.73 -32.85
CA PRO B 350 -20.31 -24.02 -32.63
C PRO B 350 -20.02 -24.67 -31.29
N LEU B 351 -18.74 -24.70 -30.90
CA LEU B 351 -18.38 -25.22 -29.58
C LEU B 351 -19.06 -24.43 -28.48
N LEU B 352 -19.02 -23.10 -28.58
CA LEU B 352 -19.63 -22.26 -27.55
C LEU B 352 -21.13 -22.49 -27.55
N ARG B 353 -21.66 -22.96 -28.69
CA ARG B 353 -23.12 -23.23 -28.78
C ARG B 353 -23.55 -24.40 -27.87
N HIS B 354 -23.15 -25.62 -28.22
CA HIS B 354 -23.51 -26.81 -27.40
C HIS B 354 -22.99 -26.86 -25.96
N PHE B 355 -21.79 -26.31 -25.71
CA PHE B 355 -21.17 -26.40 -24.35
C PHE B 355 -21.90 -25.48 -23.39
N GLY B 356 -21.88 -25.81 -22.10
CA GLY B 356 -22.52 -24.97 -21.07
C GLY B 356 -23.97 -24.69 -21.38
N TYR B 357 -24.39 -23.43 -21.25
CA TYR B 357 -25.76 -23.07 -21.67
C TYR B 357 -25.64 -22.48 -23.07
N GLY B 358 -26.65 -22.62 -23.91
CA GLY B 358 -26.50 -22.17 -25.30
C GLY B 358 -26.22 -20.68 -25.38
N LEU B 359 -25.27 -20.28 -26.22
CA LEU B 359 -25.00 -18.83 -26.41
C LEU B 359 -25.81 -18.37 -27.62
N ASP B 360 -26.75 -17.44 -27.42
CA ASP B 360 -27.62 -17.01 -28.53
C ASP B 360 -26.91 -15.92 -29.33
N LEU B 361 -27.48 -15.48 -30.45
CA LEU B 361 -26.76 -14.53 -31.29
C LEU B 361 -26.46 -13.20 -30.60
N LYS B 362 -27.37 -12.71 -29.77
CA LYS B 362 -27.17 -11.42 -29.12
C LYS B 362 -26.03 -11.46 -28.11
N GLU B 363 -25.99 -12.51 -27.28
CA GLU B 363 -24.87 -12.65 -26.35
C GLU B 363 -23.56 -12.81 -27.11
N ALA B 364 -23.60 -13.51 -28.25
CA ALA B 364 -22.41 -13.60 -29.08
C ALA B 364 -22.09 -12.20 -29.55
N THR B 365 -23.10 -11.36 -29.80
CA THR B 365 -22.86 -9.97 -30.27
C THR B 365 -22.15 -9.16 -29.18
N ILE B 366 -22.57 -9.31 -27.91
CA ILE B 366 -21.89 -8.61 -26.78
C ILE B 366 -20.46 -9.14 -26.63
N LEU B 367 -20.23 -10.45 -26.84
CA LEU B 367 -18.85 -11.00 -26.81
C LEU B 367 -18.00 -10.38 -27.93
N VAL B 368 -18.57 -10.12 -29.11
CA VAL B 368 -17.82 -9.40 -30.19
C VAL B 368 -17.38 -8.05 -29.61
N TRP B 369 -18.28 -7.33 -28.95
CA TRP B 369 -17.91 -6.09 -28.28
C TRP B 369 -17.24 -6.47 -26.95
N ALA B 370 -16.97 -5.47 -26.10
CA ALA B 370 -16.36 -5.70 -24.80
C ALA B 370 -15.00 -6.38 -24.93
N GLY B 371 -14.20 -5.90 -25.88
CA GLY B 371 -12.83 -6.34 -25.98
C GLY B 371 -11.87 -5.32 -25.43
N LEU B 372 -12.31 -4.57 -24.43
CA LEU B 372 -11.54 -3.46 -23.89
C LEU B 372 -10.17 -3.93 -23.40
N ARG B 373 -9.13 -3.18 -23.74
CA ARG B 373 -7.79 -3.52 -23.28
C ARG B 373 -7.57 -3.00 -21.86
N GLY B 374 -6.64 -3.64 -21.16
CA GLY B 374 -6.41 -3.35 -19.77
C GLY B 374 -4.94 -3.09 -19.48
N ALA B 375 -4.68 -2.75 -18.21
CA ALA B 375 -3.32 -2.44 -17.79
C ALA B 375 -2.40 -3.65 -17.86
N VAL B 376 -2.98 -4.86 -17.88
CA VAL B 376 -2.19 -6.07 -17.95
C VAL B 376 -1.31 -6.08 -19.19
N ALA B 377 -1.80 -5.51 -20.29
CA ALA B 377 -0.98 -5.43 -21.48
C ALA B 377 -0.11 -4.18 -21.48
N LEU B 378 -0.46 -3.18 -20.68
CA LEU B 378 0.46 -2.05 -20.47
C LEU B 378 1.75 -2.52 -19.84
N SER B 379 1.65 -3.41 -18.85
CA SER B 379 2.86 -3.94 -18.24
C SER B 379 3.73 -4.64 -19.26
N LEU B 380 3.12 -5.37 -20.20
CA LEU B 380 3.91 -6.11 -21.18
C LEU B 380 4.57 -5.16 -22.18
N SER B 381 3.83 -4.16 -22.65
CA SER B 381 4.43 -3.18 -23.57
C SER B 381 5.59 -2.47 -22.89
N LEU B 382 5.41 -2.05 -21.64
CA LEU B 382 6.50 -1.41 -20.92
C LEU B 382 7.65 -2.39 -20.68
N SER B 383 7.35 -3.68 -20.58
CA SER B 383 8.44 -4.69 -20.43
C SER B 383 9.30 -4.64 -21.69
N VAL B 384 8.67 -4.67 -22.87
CA VAL B 384 9.45 -4.70 -24.14
C VAL B 384 10.27 -3.41 -24.25
N LYS B 385 9.68 -2.25 -23.93
CA LYS B 385 10.42 -0.98 -24.10
C LYS B 385 11.66 -0.97 -23.20
N ARG B 386 11.51 -1.43 -21.95
CA ARG B 386 12.64 -1.39 -20.99
C ARG B 386 13.76 -2.29 -21.52
N ALA B 387 13.41 -3.45 -22.07
CA ALA B 387 14.43 -4.33 -22.69
C ALA B 387 15.06 -3.63 -23.89
N SER B 388 14.25 -2.96 -24.72
CA SER B 388 14.76 -2.34 -25.97
C SER B 388 15.79 -1.25 -25.65
N ASP B 389 15.55 -0.46 -24.60
CA ASP B 389 16.51 0.61 -24.19
C ASP B 389 17.85 -0.05 -23.83
N ALA B 390 17.82 -1.20 -23.17
CA ALA B 390 19.05 -1.94 -22.82
C ALA B 390 19.66 -2.74 -23.97
N VAL B 391 20.81 -3.39 -23.75
CA VAL B 391 21.39 -4.25 -24.82
C VAL B 391 20.35 -5.28 -25.28
N GLN B 392 20.10 -5.38 -26.59
CA GLN B 392 18.97 -6.24 -27.04
C GLN B 392 19.41 -6.84 -28.37
N THR B 393 18.92 -8.04 -28.68
CA THR B 393 19.15 -8.63 -30.04
C THR B 393 17.85 -8.61 -30.84
N HIS B 394 17.89 -8.15 -32.10
CA HIS B 394 16.68 -7.99 -32.94
C HIS B 394 15.81 -6.83 -32.42
N LEU B 395 15.50 -6.81 -31.13
CA LEU B 395 14.73 -5.70 -30.54
C LEU B 395 15.70 -4.52 -30.57
N LYS B 396 15.18 -3.33 -30.88
CA LYS B 396 15.99 -2.09 -30.89
C LYS B 396 15.13 -1.05 -30.17
N PRO B 397 15.66 0.10 -29.70
CA PRO B 397 14.83 1.04 -28.94
C PRO B 397 13.59 1.57 -29.67
N VAL B 398 13.69 1.86 -30.97
CA VAL B 398 12.54 2.41 -31.75
C VAL B 398 11.41 1.38 -31.84
N ASP B 399 11.72 0.09 -31.74
CA ASP B 399 10.73 -1.03 -31.84
C ASP B 399 9.98 -1.02 -30.51
N GLY B 400 10.68 -0.85 -29.40
CA GLY B 400 10.01 -0.77 -28.09
C GLY B 400 9.24 0.54 -28.14
N THR B 401 9.82 1.57 -28.77
CA THR B 401 9.12 2.88 -28.89
C THR B 401 7.69 2.68 -29.51
N MET B 402 7.69 1.98 -30.66
CA MET B 402 6.42 1.62 -31.33
C MET B 402 5.35 0.88 -30.53
N PHE B 403 5.72 -0.24 -29.90
CA PHE B 403 4.77 -1.04 -29.07
C PHE B 403 4.12 -0.20 -27.99
N VAL B 404 4.87 0.69 -27.34
CA VAL B 404 4.32 1.48 -26.21
C VAL B 404 3.17 2.36 -26.69
N PHE B 405 3.34 3.06 -27.81
CA PHE B 405 2.18 3.82 -28.34
C PHE B 405 1.09 2.88 -28.85
N PHE B 406 1.45 1.80 -29.54
CA PHE B 406 0.39 0.96 -30.16
C PHE B 406 -0.48 0.28 -29.09
N THR B 407 0.12 -0.30 -28.05
CA THR B 407 -0.71 -0.87 -26.97
C THR B 407 -1.49 0.25 -26.28
N GLY B 408 -0.83 1.37 -26.00
CA GLY B 408 -1.49 2.48 -25.28
C GLY B 408 -2.65 3.05 -26.08
N GLY B 409 -2.45 3.23 -27.39
CA GLY B 409 -3.51 3.76 -28.24
C GLY B 409 -4.69 2.83 -28.26
N ILE B 410 -4.47 1.53 -28.39
CA ILE B 410 -5.59 0.55 -28.42
C ILE B 410 -6.25 0.54 -27.04
N VAL B 411 -5.50 0.79 -25.95
CA VAL B 411 -6.16 0.88 -24.61
C VAL B 411 -7.14 2.06 -24.59
N PHE B 412 -6.68 3.23 -25.06
CA PHE B 412 -7.55 4.44 -25.04
C PHE B 412 -8.71 4.27 -26.02
N LEU B 413 -8.42 3.82 -27.24
CA LEU B 413 -9.49 3.72 -28.26
C LEU B 413 -10.54 2.71 -27.82
N THR B 414 -10.13 1.54 -27.30
CA THR B 414 -11.17 0.54 -26.96
C THR B 414 -12.12 1.06 -25.87
N LEU B 415 -11.58 1.63 -24.80
CA LEU B 415 -12.49 2.03 -23.70
C LEU B 415 -13.42 3.18 -24.11
N ILE B 416 -12.88 4.18 -24.82
CA ILE B 416 -13.70 5.37 -25.22
C ILE B 416 -14.73 4.92 -26.24
N PHE B 417 -14.36 4.02 -27.17
CA PHE B 417 -15.35 3.67 -28.22
C PHE B 417 -16.11 2.40 -27.84
N ASN B 418 -15.43 1.29 -27.66
CA ASN B 418 -16.14 0.01 -27.40
C ASN B 418 -16.88 0.10 -26.06
N GLY B 419 -16.24 0.61 -25.02
CA GLY B 419 -16.87 0.67 -23.68
C GLY B 419 -18.05 1.62 -23.60
N SER B 420 -17.93 2.82 -24.15
CA SER B 420 -19.01 3.82 -24.10
C SER B 420 -20.22 3.40 -24.94
N THR B 421 -19.99 2.84 -26.13
CA THR B 421 -21.12 2.50 -27.03
C THR B 421 -21.74 1.17 -26.64
N THR B 422 -21.16 0.47 -25.67
CA THR B 422 -21.75 -0.82 -25.18
C THR B 422 -23.09 -0.37 -24.60
N GLN B 423 -23.15 0.83 -24.02
CA GLN B 423 -24.42 1.32 -23.43
C GLN B 423 -25.57 1.23 -24.48
N PHE B 424 -25.31 1.79 -25.67
CA PHE B 424 -26.33 1.77 -26.75
C PHE B 424 -26.86 0.41 -27.21
N LEU B 425 -25.98 -0.58 -27.36
CA LEU B 425 -26.43 -1.93 -27.77
C LEU B 425 -27.39 -2.60 -26.80
N LEU B 426 -27.07 -2.58 -25.50
CA LEU B 426 -27.94 -3.28 -24.53
C LEU B 426 -29.26 -2.55 -24.20
N HIS B 427 -29.20 -1.22 -24.10
CA HIS B 427 -30.41 -0.44 -23.70
C HIS B 427 -31.44 -0.43 -24.83
N LEU B 428 -31.02 -0.13 -26.06
CA LEU B 428 -32.04 0.03 -27.14
C LEU B 428 -32.09 -1.16 -28.09
N LEU B 429 -30.95 -1.58 -28.63
CA LEU B 429 -30.95 -2.68 -29.64
C LEU B 429 -31.37 -4.01 -28.98
N GLY B 430 -31.08 -4.17 -27.69
CA GLY B 430 -31.53 -5.37 -26.95
C GLY B 430 -32.34 -5.00 -25.73
#